data_6QTB
#
_entry.id   6QTB
#
_cell.length_a   75.553
_cell.length_b   83.176
_cell.length_c   77.686
_cell.angle_alpha   90.000
_cell.angle_beta   117.720
_cell.angle_gamma   90.000
#
_symmetry.space_group_name_H-M   'P 1 21 1'
#
loop_
_entity.id
_entity.type
_entity.pdbx_description
1 polymer Midasin,Midasin
2 polymer 'Ribosome biogenesis protein YTM1'
3 non-polymer 'MAGNESIUM ION'
4 non-polymer GLYCEROL
5 water water
#
loop_
_entity_poly.entity_id
_entity_poly.type
_entity_poly.pdbx_seq_one_letter_code
_entity_poly.pdbx_strand_id
1 'polypeptide(L)'
;MHISDEQLKRPLRDYGEALEMWSTFQTKTQALSQSLSSQLRLILTGSGIPSKRAYQILLCVDDSSSMSDDNRSTAGNLAL
ESLVMVARALTVLEAGQIGVMGFGTDVFVAHALTDPPFTSQDAGARVLQQFTFRQDSTDMVLLLRRTIDHFREARLIQAS
SSRGGEDLWQLALILSDGLVQSRDHARLRPLLREAMEQRVMVVFIVMDDARSRKGHSVLELKEARFGPDGVPVIHRYLDS
FPFPYYLIVHHLEDLPGALAALLRTWFAEVNSGSHHHHHH
;
A,D
2 'polypeptide(L)'
;MKHHHHHHPMAPAPVAQVKVIFTTTEPDLELPESKRQLLVPADIRRYGLSRILNSESMLDTGSIPFDFLINGSFLRSSLE
DYLTSNGLSLETTLTLQYVRS
;
B,E
#
# COMPACT_ATOMS: atom_id res chain seq x y z
N ARG A 10 36.77 -3.62 -1.77
CA ARG A 10 36.66 -4.16 -0.41
C ARG A 10 35.32 -4.85 -0.22
N PRO A 11 35.33 -6.03 0.43
CA PRO A 11 34.07 -6.78 0.63
C PRO A 11 33.08 -6.06 1.52
N LEU A 12 33.53 -5.09 2.32
CA LEU A 12 32.63 -4.34 3.19
C LEU A 12 32.65 -2.89 2.77
N ARG A 13 31.54 -2.21 3.02
CA ARG A 13 31.63 -0.78 2.95
C ARG A 13 32.54 -0.33 4.06
N ASP A 14 33.15 0.83 3.86
CA ASP A 14 33.80 1.50 4.96
C ASP A 14 32.76 1.72 6.05
N TYR A 15 33.13 1.39 7.29
CA TYR A 15 32.22 1.51 8.43
C TYR A 15 31.71 2.93 8.59
N GLY A 16 32.59 3.92 8.40
CA GLY A 16 32.15 5.29 8.47
C GLY A 16 31.09 5.62 7.44
N GLU A 17 31.26 5.12 6.22
CA GLU A 17 30.24 5.36 5.21
C GLU A 17 28.92 4.70 5.62
N ALA A 18 28.98 3.51 6.23
CA ALA A 18 27.75 2.82 6.67
C ALA A 18 27.04 3.59 7.80
N LEU A 19 27.82 4.17 8.71
CA LEU A 19 27.25 4.98 9.79
C LEU A 19 26.55 6.21 9.22
N GLU A 20 27.19 6.89 8.27
CA GLU A 20 26.57 8.06 7.66
C GLU A 20 25.28 7.68 6.96
N MET A 21 25.30 6.54 6.25
CA MET A 21 24.13 6.05 5.53
C MET A 21 23.02 5.73 6.52
N TRP A 22 23.34 5.04 7.61
CA TRP A 22 22.26 4.68 8.55
C TRP A 22 21.59 5.92 9.10
N SER A 23 22.42 6.91 9.49
CA SER A 23 21.93 8.15 10.07
C SER A 23 21.12 8.98 9.09
N THR A 24 21.63 9.11 7.87
CA THR A 24 20.91 9.81 6.81
C THR A 24 19.59 9.13 6.51
N PHE A 25 19.63 7.80 6.33
CA PHE A 25 18.38 7.09 6.03
C PHE A 25 17.40 7.15 7.16
N GLN A 26 17.88 7.08 8.40
CA GLN A 26 16.95 7.07 9.51
C GLN A 26 16.17 8.39 9.58
N THR A 27 16.87 9.51 9.37
CA THR A 27 16.24 10.83 9.35
C THR A 27 15.29 10.99 8.18
N LYS A 28 15.73 10.52 7.02
CA LYS A 28 14.92 10.59 5.81
C LYS A 28 13.63 9.80 5.97
N THR A 29 13.63 8.68 6.69
CA THR A 29 12.46 7.79 6.75
C THR A 29 11.71 7.83 8.08
N GLN A 30 12.05 8.76 9.00
CA GLN A 30 11.51 8.70 10.37
C GLN A 30 9.97 8.77 10.40
N ALA A 31 9.37 9.71 9.65
CA ALA A 31 7.91 9.83 9.63
C ALA A 31 7.27 8.62 8.99
N LEU A 32 7.91 8.07 7.94
CA LEU A 32 7.38 6.87 7.30
C LEU A 32 7.42 5.67 8.23
N SER A 33 8.52 5.50 8.99
CA SER A 33 8.61 4.43 10.00
C SER A 33 7.53 4.57 11.07
N GLN A 34 7.27 5.80 11.52
CA GLN A 34 6.25 6.03 12.55
C GLN A 34 4.87 5.64 12.03
N SER A 35 4.58 6.01 10.77
CA SER A 35 3.29 5.61 10.20
C SER A 35 3.18 4.10 10.12
N LEU A 36 4.23 3.41 9.65
CA LEU A 36 4.18 1.95 9.60
C LEU A 36 4.04 1.35 11.00
N SER A 37 4.81 1.83 11.96
CA SER A 37 4.74 1.20 13.28
C SER A 37 3.38 1.44 13.94
N SER A 38 2.79 2.63 13.75
CA SER A 38 1.45 2.87 14.30
C SER A 38 0.43 1.90 13.71
N GLN A 39 0.54 1.60 12.39
CA GLN A 39 -0.35 0.58 11.80
C GLN A 39 0.00 -0.83 12.27
N LEU A 40 1.31 -1.16 12.36
CA LEU A 40 1.67 -2.48 12.83
C LEU A 40 1.21 -2.72 14.27
N ARG A 41 1.18 -1.67 15.09
CA ARG A 41 0.72 -1.85 16.48
C ARG A 41 -0.69 -2.41 16.55
N LEU A 42 -1.58 -1.96 15.64
CA LEU A 42 -2.95 -2.46 15.64
C LEU A 42 -3.04 -3.86 15.08
N ILE A 43 -2.23 -4.15 14.06
CA ILE A 43 -2.34 -5.46 13.41
C ILE A 43 -1.76 -6.54 14.31
N LEU A 44 -0.63 -6.27 14.96
CA LEU A 44 0.16 -7.31 15.62
C LEU A 44 0.09 -7.29 17.14
N THR A 45 -0.42 -6.21 17.77
CA THR A 45 -0.34 -6.12 19.24
C THR A 45 -1.72 -5.87 19.84
N GLY A 46 -1.74 -5.88 21.17
CA GLY A 46 -2.87 -5.46 21.97
C GLY A 46 -4.07 -6.36 21.76
N SER A 47 -5.26 -5.74 21.78
CA SER A 47 -6.52 -6.42 21.51
C SER A 47 -6.69 -7.62 22.44
N SER A 51 -3.56 -12.01 21.79
CA SER A 51 -2.97 -13.17 22.47
C SER A 51 -1.54 -12.83 22.91
N LYS A 52 -0.88 -13.74 23.63
CA LYS A 52 0.57 -13.64 23.86
C LYS A 52 1.31 -14.32 22.72
N ARG A 53 1.57 -13.54 21.68
CA ARG A 53 2.17 -14.02 20.44
C ARG A 53 3.63 -13.60 20.39
N ALA A 54 4.39 -14.27 19.52
CA ALA A 54 5.74 -13.88 19.20
C ALA A 54 5.87 -13.76 17.69
N TYR A 55 6.76 -12.87 17.26
CA TYR A 55 6.97 -12.62 15.82
C TYR A 55 8.45 -12.76 15.49
N GLN A 56 8.73 -13.37 14.34
CA GLN A 56 10.10 -13.47 13.83
C GLN A 56 10.09 -12.97 12.40
N ILE A 57 10.83 -11.89 12.11
CA ILE A 57 10.81 -11.28 10.77
C ILE A 57 12.21 -11.36 10.20
N LEU A 58 12.34 -11.91 8.98
CA LEU A 58 13.61 -11.94 8.27
C LEU A 58 13.50 -10.95 7.12
N LEU A 59 14.37 -9.96 7.12
CA LEU A 59 14.47 -9.02 6.02
C LEU A 59 15.55 -9.56 5.09
N CYS A 60 15.17 -9.92 3.86
CA CYS A 60 16.07 -10.59 2.94
C CYS A 60 16.40 -9.61 1.84
N VAL A 61 17.65 -9.15 1.79
CA VAL A 61 18.05 -8.05 0.89
C VAL A 61 18.90 -8.62 -0.24
N ASP A 62 18.54 -8.26 -1.48
CA ASP A 62 19.25 -8.64 -2.70
C ASP A 62 20.59 -7.92 -2.79
N ASP A 63 21.69 -8.71 -2.76
CA ASP A 63 23.04 -8.19 -2.83
C ASP A 63 23.64 -8.39 -4.24
N SER A 64 22.80 -8.70 -5.24
CA SER A 64 23.29 -8.92 -6.60
C SER A 64 23.66 -7.61 -7.32
N SER A 65 24.52 -7.73 -8.35
CA SER A 65 24.99 -6.49 -8.94
C SER A 65 23.95 -5.85 -9.90
N SER A 66 22.82 -6.50 -10.17
CA SER A 66 21.76 -5.77 -10.91
C SER A 66 21.19 -4.62 -10.07
N MET A 67 21.39 -4.68 -8.77
CA MET A 67 20.91 -3.67 -7.84
C MET A 67 21.75 -2.41 -7.88
N SER A 68 22.94 -2.48 -8.50
CA SER A 68 24.02 -1.57 -8.16
C SER A 68 24.06 -0.32 -9.03
N ASP A 69 24.59 0.75 -8.45
CA ASP A 69 24.79 2.00 -9.16
C ASP A 69 25.68 1.81 -10.39
N ASP A 70 26.67 0.91 -10.31
CA ASP A 70 27.50 0.61 -11.47
C ASP A 70 26.68 0.05 -12.64
N ASN A 71 25.54 -0.57 -12.35
CA ASN A 71 24.61 -1.00 -13.37
C ASN A 71 23.58 0.08 -13.69
N ARG A 72 23.83 1.32 -13.25
CA ARG A 72 22.89 2.44 -13.39
C ARG A 72 21.51 2.10 -12.85
N SER A 73 21.48 1.34 -11.76
CA SER A 73 20.24 1.03 -11.05
C SER A 73 20.26 1.73 -9.70
N THR A 74 19.10 2.23 -9.27
CA THR A 74 19.00 2.79 -7.92
C THR A 74 18.39 1.79 -6.93
N ALA A 75 18.20 0.53 -7.36
CA ALA A 75 17.48 -0.46 -6.54
C ALA A 75 18.20 -0.74 -5.23
N GLY A 76 19.55 -0.86 -5.25
CA GLY A 76 20.29 -1.07 -4.00
C GLY A 76 20.09 0.04 -2.99
N ASN A 77 20.21 1.30 -3.40
CA ASN A 77 20.02 2.42 -2.47
C ASN A 77 18.59 2.41 -1.89
N LEU A 78 17.60 2.24 -2.76
CA LEU A 78 16.20 2.20 -2.31
C LEU A 78 15.97 1.03 -1.35
N ALA A 79 16.60 -0.15 -1.64
CA ALA A 79 16.45 -1.28 -0.71
C ALA A 79 17.05 -0.97 0.67
N LEU A 80 18.22 -0.32 0.72
CA LEU A 80 18.81 -0.03 2.05
C LEU A 80 18.00 1.04 2.78
N GLU A 81 17.49 2.05 2.05
CA GLU A 81 16.59 3.00 2.68
C GLU A 81 15.34 2.30 3.23
N SER A 82 14.76 1.38 2.44
CA SER A 82 13.60 0.60 2.88
C SER A 82 13.95 -0.29 4.07
N LEU A 83 15.13 -0.90 4.05
CA LEU A 83 15.56 -1.72 5.20
C LEU A 83 15.58 -0.92 6.50
N VAL A 84 16.15 0.30 6.47
CA VAL A 84 16.22 1.14 7.67
C VAL A 84 14.80 1.53 8.10
N MET A 85 13.93 1.93 7.14
CA MET A 85 12.56 2.30 7.48
C MET A 85 11.85 1.16 8.16
N VAL A 86 11.92 -0.05 7.57
CA VAL A 86 11.15 -1.17 8.09
C VAL A 86 11.75 -1.66 9.40
N ALA A 87 13.09 -1.82 9.44
CA ALA A 87 13.73 -2.27 10.68
C ALA A 87 13.40 -1.33 11.82
N ARG A 88 13.44 -0.02 11.57
CA ARG A 88 13.11 0.91 12.65
C ARG A 88 11.63 0.80 13.04
N ALA A 89 10.71 0.68 12.06
CA ALA A 89 9.31 0.54 12.43
C ALA A 89 9.09 -0.71 13.29
N LEU A 90 9.76 -1.81 12.97
CA LEU A 90 9.51 -3.09 13.65
C LEU A 90 10.04 -3.12 15.09
N THR A 91 10.97 -2.25 15.45
CA THR A 91 11.56 -2.41 16.77
C THR A 91 10.58 -2.04 17.87
N VAL A 92 9.40 -1.51 17.53
CA VAL A 92 8.33 -1.29 18.51
C VAL A 92 7.62 -2.55 18.97
N LEU A 93 7.85 -3.69 18.32
CA LEU A 93 7.20 -4.95 18.68
C LEU A 93 7.92 -5.61 19.84
N GLU A 94 7.31 -5.60 21.02
CA GLU A 94 7.98 -6.23 22.17
C GLU A 94 8.38 -7.67 21.84
N ALA A 95 7.42 -8.47 21.39
CA ALA A 95 7.64 -9.90 21.18
C ALA A 95 8.13 -10.21 19.75
N GLY A 96 8.94 -9.33 19.17
CA GLY A 96 9.44 -9.52 17.81
C GLY A 96 10.95 -9.62 17.78
N GLN A 97 11.44 -10.51 16.92
CA GLN A 97 12.87 -10.68 16.69
C GLN A 97 13.09 -10.36 15.22
N ILE A 98 14.07 -9.52 14.89
CA ILE A 98 14.30 -9.13 13.51
C ILE A 98 15.67 -9.66 13.10
N GLY A 99 15.72 -10.39 11.99
CA GLY A 99 16.98 -10.81 11.45
C GLY A 99 17.14 -10.32 10.01
N VAL A 100 18.38 -10.32 9.50
CA VAL A 100 18.64 -9.83 8.14
C VAL A 100 19.48 -10.86 7.37
N MET A 101 19.08 -11.14 6.12
CA MET A 101 19.86 -12.02 5.25
C MET A 101 20.20 -11.23 4.00
N GLY A 102 21.38 -11.46 3.45
CA GLY A 102 21.78 -10.94 2.14
C GLY A 102 21.83 -12.09 1.15
N PHE A 103 21.52 -11.81 -0.15
CA PHE A 103 21.59 -12.96 -1.06
C PHE A 103 22.00 -12.54 -2.47
N GLY A 104 22.73 -13.42 -3.14
CA GLY A 104 22.98 -13.24 -4.59
C GLY A 104 23.31 -14.61 -5.13
N THR A 105 24.62 -14.89 -5.34
CA THR A 105 25.05 -16.27 -5.64
C THR A 105 24.94 -17.19 -4.40
N ASP A 106 25.11 -16.66 -3.21
CA ASP A 106 24.91 -17.42 -1.99
C ASP A 106 24.19 -16.50 -1.01
N VAL A 107 23.75 -17.06 0.11
CA VAL A 107 22.96 -16.36 1.13
C VAL A 107 23.80 -16.22 2.40
N PHE A 108 23.85 -15.03 2.94
CA PHE A 108 24.56 -14.84 4.22
C PHE A 108 23.63 -14.28 5.29
N VAL A 109 23.90 -14.62 6.54
CA VAL A 109 23.11 -14.08 7.66
C VAL A 109 23.84 -12.82 8.11
N ALA A 110 23.29 -11.65 7.77
CA ALA A 110 23.85 -10.34 8.16
C ALA A 110 23.57 -9.99 9.62
N HIS A 111 22.46 -10.50 10.17
CA HIS A 111 22.02 -10.18 11.53
C HIS A 111 21.10 -11.31 12.00
N ALA A 112 21.46 -11.99 13.09
CA ALA A 112 20.63 -13.13 13.48
C ALA A 112 19.38 -12.68 14.24
N LEU A 113 18.36 -13.55 14.23
CA LEU A 113 17.15 -13.24 15.01
C LEU A 113 17.49 -13.00 16.48
N THR A 114 18.58 -13.61 16.95
CA THR A 114 18.99 -13.54 18.36
C THR A 114 19.93 -12.39 18.66
N ASP A 115 20.37 -11.66 17.64
CA ASP A 115 21.37 -10.61 17.79
C ASP A 115 20.76 -9.36 18.42
N PRO A 116 21.58 -8.39 18.80
CA PRO A 116 21.05 -7.18 19.46
C PRO A 116 20.09 -6.44 18.55
N PRO A 117 19.09 -5.77 19.11
CA PRO A 117 18.09 -5.07 18.29
C PRO A 117 18.66 -3.83 17.61
N PHE A 118 17.89 -3.32 16.64
CA PHE A 118 18.27 -2.15 15.83
C PHE A 118 17.97 -0.82 16.50
N THR A 119 17.88 -0.83 17.82
CA THR A 119 17.81 0.40 18.57
C THR A 119 19.14 1.16 18.56
N SER A 120 20.21 0.55 18.05
CA SER A 120 21.53 1.17 18.04
C SER A 120 21.96 1.48 16.60
N GLN A 121 22.51 2.68 16.42
CA GLN A 121 23.01 3.03 15.10
C GLN A 121 24.22 2.19 14.71
N ASP A 122 25.03 1.76 15.69
CA ASP A 122 26.17 0.91 15.36
C ASP A 122 25.71 -0.45 14.83
N ALA A 123 24.69 -1.04 15.44
CA ALA A 123 24.18 -2.31 14.93
C ALA A 123 23.62 -2.15 13.51
N GLY A 124 22.89 -1.06 13.25
CA GLY A 124 22.39 -0.85 11.89
C GLY A 124 23.51 -0.67 10.87
N ALA A 125 24.51 0.13 11.22
CA ALA A 125 25.64 0.32 10.30
C ALA A 125 26.38 -0.98 10.03
N ARG A 126 26.51 -1.87 11.03
CA ARG A 126 27.17 -3.18 10.83
C ARG A 126 26.44 -4.03 9.79
N VAL A 127 25.11 -3.88 9.73
CA VAL A 127 24.31 -4.55 8.68
C VAL A 127 24.56 -3.91 7.32
N LEU A 128 24.43 -2.57 7.23
CA LEU A 128 24.63 -1.90 5.95
C LEU A 128 26.02 -2.16 5.38
N GLN A 129 27.02 -2.34 6.26
CA GLN A 129 28.38 -2.59 5.79
C GLN A 129 28.45 -3.79 4.86
N GLN A 130 27.57 -4.76 5.06
CA GLN A 130 27.67 -6.03 4.34
C GLN A 130 27.01 -5.99 2.96
N PHE A 131 26.35 -4.89 2.58
CA PHE A 131 25.67 -4.85 1.29
C PHE A 131 26.46 -3.99 0.32
N THR A 132 27.08 -4.63 -0.69
CA THR A 132 27.84 -3.90 -1.69
C THR A 132 27.31 -4.09 -3.11
N PHE A 133 26.35 -5.00 -3.33
CA PHE A 133 25.67 -5.13 -4.62
C PHE A 133 26.65 -5.49 -5.74
N ARG A 134 27.46 -6.51 -5.48
CA ARG A 134 28.44 -7.00 -6.47
C ARG A 134 28.28 -8.45 -6.88
N GLN A 135 27.34 -9.19 -6.30
CA GLN A 135 27.29 -10.63 -6.64
C GLN A 135 26.86 -10.87 -8.08
N ASP A 136 27.40 -11.95 -8.66
CA ASP A 136 27.24 -12.20 -10.09
C ASP A 136 25.98 -12.95 -10.48
N SER A 137 25.09 -13.28 -9.54
CA SER A 137 23.87 -13.95 -9.92
C SER A 137 22.83 -13.66 -8.85
N THR A 138 21.57 -14.00 -9.16
CA THR A 138 20.48 -13.69 -8.22
C THR A 138 19.73 -14.99 -7.97
N ASP A 139 20.18 -15.79 -7.01
CA ASP A 139 19.62 -17.17 -6.88
C ASP A 139 18.45 -17.21 -5.89
N MET A 140 17.26 -16.87 -6.41
CA MET A 140 16.08 -16.75 -5.55
C MET A 140 15.62 -18.08 -5.01
N VAL A 141 15.84 -19.18 -5.77
CA VAL A 141 15.47 -20.51 -5.26
C VAL A 141 16.29 -20.84 -4.02
N LEU A 142 17.60 -20.62 -4.07
CA LEU A 142 18.43 -20.85 -2.87
C LEU A 142 18.00 -19.94 -1.71
N LEU A 143 17.66 -18.68 -2.02
CA LEU A 143 17.20 -17.77 -0.95
C LEU A 143 15.98 -18.34 -0.24
N LEU A 144 14.99 -18.81 -0.99
CA LEU A 144 13.78 -19.42 -0.39
C LEU A 144 14.07 -20.72 0.37
N ARG A 145 14.89 -21.61 -0.20
CA ARG A 145 15.29 -22.80 0.53
C ARG A 145 15.93 -22.46 1.89
N ARG A 146 16.86 -21.49 1.89
CA ARG A 146 17.55 -21.12 3.13
C ARG A 146 16.60 -20.47 4.12
N THR A 147 15.67 -19.66 3.61
CA THR A 147 14.73 -18.96 4.49
C THR A 147 13.80 -19.94 5.19
N ILE A 148 13.22 -20.87 4.42
CA ILE A 148 12.37 -21.92 5.01
C ILE A 148 13.15 -22.73 6.06
N ASP A 149 14.37 -23.13 5.71
CA ASP A 149 15.18 -23.93 6.65
C ASP A 149 15.51 -23.12 7.90
N HIS A 150 15.79 -21.84 7.73
CA HIS A 150 16.09 -20.97 8.87
C HIS A 150 14.92 -20.86 9.82
N PHE A 151 13.73 -20.65 9.28
CA PHE A 151 12.54 -20.55 10.12
C PHE A 151 12.17 -21.90 10.75
N ARG A 152 12.40 -23.02 10.04
CA ARG A 152 12.07 -24.35 10.61
C ARG A 152 12.88 -24.61 11.86
N GLU A 153 14.19 -24.31 11.80
CA GLU A 153 15.02 -24.47 12.98
C GLU A 153 14.65 -23.46 14.07
N ALA A 154 14.26 -22.25 13.69
CA ALA A 154 13.80 -21.32 14.71
C ALA A 154 12.53 -21.81 15.39
N ARG A 155 11.66 -22.50 14.63
CA ARG A 155 10.46 -23.10 15.18
C ARG A 155 10.80 -24.22 16.17
N LEU A 156 11.84 -25.02 15.85
CA LEU A 156 12.28 -26.08 16.76
C LEU A 156 12.85 -25.48 18.05
N ILE A 157 13.68 -24.44 17.92
CA ILE A 157 14.22 -23.75 19.08
C ILE A 157 13.09 -23.18 19.93
N GLN A 158 12.00 -22.78 19.28
CA GLN A 158 10.86 -22.20 19.99
C GLN A 158 10.29 -23.12 21.05
N ALA A 159 10.40 -24.44 20.84
CA ALA A 159 9.82 -25.42 21.75
C ALA A 159 10.16 -25.14 23.23
N SER A 160 11.36 -24.63 23.51
CA SER A 160 11.84 -24.47 24.89
C SER A 160 10.94 -23.54 25.71
N SER A 161 10.92 -23.73 27.04
CA SER A 161 9.92 -22.99 27.81
C SER A 161 10.35 -21.54 27.95
N GLY A 165 5.90 -21.80 25.55
CA GLY A 165 4.55 -21.85 24.99
C GLY A 165 4.31 -20.61 24.17
N GLU A 166 4.45 -20.73 22.85
CA GLU A 166 4.58 -19.58 21.98
C GLU A 166 3.69 -19.74 20.76
N ASP A 167 2.84 -18.75 20.51
CA ASP A 167 2.09 -18.63 19.27
C ASP A 167 2.97 -17.82 18.32
N LEU A 168 3.92 -18.52 17.69
CA LEU A 168 4.95 -17.87 16.89
C LEU A 168 4.52 -17.67 15.42
N TRP A 169 4.67 -16.44 14.93
CA TRP A 169 4.33 -16.11 13.54
C TRP A 169 5.59 -15.67 12.81
N GLN A 170 5.83 -16.19 11.60
CA GLN A 170 7.10 -15.96 10.91
C GLN A 170 6.84 -15.30 9.56
N LEU A 171 7.61 -14.24 9.27
CA LEU A 171 7.43 -13.37 8.11
C LEU A 171 8.78 -13.16 7.42
N ALA A 172 8.82 -13.38 6.09
CA ALA A 172 10.00 -13.05 5.29
C ALA A 172 9.62 -11.91 4.36
N LEU A 173 10.40 -10.82 4.38
CA LEU A 173 10.21 -9.66 3.50
C LEU A 173 11.42 -9.56 2.57
N ILE A 174 11.19 -9.72 1.28
CA ILE A 174 12.31 -9.75 0.32
C ILE A 174 12.39 -8.40 -0.33
N LEU A 175 13.54 -7.78 -0.22
CA LEU A 175 13.80 -6.44 -0.75
C LEU A 175 14.73 -6.59 -1.99
N SER A 176 14.18 -6.37 -3.19
CA SER A 176 14.89 -6.81 -4.40
C SER A 176 14.32 -6.08 -5.58
N ASP A 177 15.14 -5.95 -6.66
CA ASP A 177 14.58 -5.43 -7.91
C ASP A 177 13.69 -6.45 -8.62
N GLY A 178 13.61 -7.69 -8.12
CA GLY A 178 12.71 -8.66 -8.69
C GLY A 178 13.11 -9.28 -10.02
N LEU A 179 14.38 -9.11 -10.45
CA LEU A 179 14.88 -9.59 -11.75
C LEU A 179 15.54 -10.94 -11.55
N VAL A 180 14.83 -11.98 -11.89
CA VAL A 180 15.38 -13.31 -11.84
C VAL A 180 15.19 -13.89 -13.22
N GLN A 181 15.97 -14.93 -13.50
CA GLN A 181 15.82 -15.64 -14.77
C GLN A 181 14.42 -16.24 -14.86
N SER A 182 13.75 -16.04 -16.02
CA SER A 182 12.34 -16.39 -16.16
C SER A 182 12.09 -17.83 -15.85
N ARG A 183 13.07 -18.67 -16.18
CA ARG A 183 13.05 -20.10 -15.89
C ARG A 183 12.81 -20.35 -14.39
N ASP A 184 13.40 -19.52 -13.54
CA ASP A 184 13.25 -19.73 -12.09
C ASP A 184 11.81 -19.46 -11.62
N HIS A 185 11.01 -18.67 -12.37
CA HIS A 185 9.64 -18.42 -11.90
C HIS A 185 8.92 -19.76 -11.57
N ALA A 186 9.04 -20.75 -12.47
CA ALA A 186 8.44 -22.08 -12.21
C ALA A 186 9.09 -22.77 -11.01
N ARG A 187 10.43 -22.77 -10.93
CA ARG A 187 11.11 -23.50 -9.85
C ARG A 187 10.80 -22.91 -8.47
N LEU A 188 10.47 -21.64 -8.41
CA LEU A 188 10.08 -21.04 -7.14
C LEU A 188 8.70 -21.52 -6.66
N ARG A 189 7.78 -21.91 -7.53
CA ARG A 189 6.45 -22.24 -7.05
C ARG A 189 6.41 -23.37 -6.01
N PRO A 190 7.14 -24.49 -6.16
CA PRO A 190 7.10 -25.53 -5.12
C PRO A 190 7.64 -25.05 -3.78
N LEU A 191 8.67 -24.21 -3.80
CA LEU A 191 9.19 -23.61 -2.56
C LEU A 191 8.20 -22.65 -1.94
N LEU A 192 7.48 -21.88 -2.75
CA LEU A 192 6.47 -21.02 -2.17
C LEU A 192 5.31 -21.83 -1.56
N ARG A 193 4.94 -22.98 -2.15
CA ARG A 193 3.92 -23.82 -1.48
C ARG A 193 4.41 -24.31 -0.15
N GLU A 194 5.66 -24.75 -0.12
CA GLU A 194 6.24 -25.25 1.12
C GLU A 194 6.22 -24.17 2.18
N ALA A 195 6.55 -22.92 1.82
CA ALA A 195 6.51 -21.84 2.80
C ALA A 195 5.10 -21.64 3.34
N MET A 196 4.09 -21.64 2.45
CA MET A 196 2.72 -21.43 2.90
C MET A 196 2.25 -22.61 3.75
N GLU A 197 2.62 -23.84 3.39
CA GLU A 197 2.25 -25.00 4.20
C GLU A 197 2.87 -24.93 5.58
N GLN A 198 4.06 -24.34 5.69
CA GLN A 198 4.68 -24.18 6.99
C GLN A 198 4.26 -22.88 7.66
N ARG A 199 3.26 -22.18 7.08
CA ARG A 199 2.68 -20.91 7.56
C ARG A 199 3.70 -19.76 7.60
N VAL A 200 4.73 -19.80 6.76
CA VAL A 200 5.67 -18.67 6.61
C VAL A 200 5.08 -17.72 5.58
N MET A 201 4.75 -16.50 5.98
CA MET A 201 4.28 -15.52 5.00
C MET A 201 5.46 -14.87 4.29
N VAL A 202 5.44 -14.88 2.96
CA VAL A 202 6.53 -14.33 2.17
C VAL A 202 5.97 -13.15 1.40
N VAL A 203 6.52 -11.96 1.63
CA VAL A 203 6.15 -10.76 0.89
C VAL A 203 7.36 -10.26 0.10
N PHE A 204 7.16 -10.03 -1.20
CA PHE A 204 8.21 -9.53 -2.07
C PHE A 204 7.99 -8.03 -2.23
N ILE A 205 9.01 -7.24 -1.90
CA ILE A 205 8.95 -5.78 -1.99
C ILE A 205 9.81 -5.38 -3.18
N VAL A 206 9.18 -5.06 -4.31
CA VAL A 206 9.92 -4.84 -5.57
C VAL A 206 10.43 -3.40 -5.58
N MET A 207 11.74 -3.22 -5.67
CA MET A 207 12.37 -1.90 -5.75
C MET A 207 12.24 -1.44 -7.19
N ASP A 208 11.46 -0.39 -7.44
CA ASP A 208 11.17 0.07 -8.82
C ASP A 208 11.25 1.59 -8.86
N ASP A 209 12.37 2.12 -8.40
CA ASP A 209 12.52 3.55 -8.11
C ASP A 209 12.08 4.40 -9.30
N ALA A 210 11.08 5.25 -9.05
CA ALA A 210 10.50 6.07 -10.12
C ALA A 210 11.42 7.21 -10.57
N ARG A 211 12.37 7.65 -9.73
CA ARG A 211 13.26 8.72 -10.15
C ARG A 211 14.46 8.22 -10.93
N SER A 212 14.64 6.89 -11.02
CA SER A 212 15.77 6.33 -11.73
C SER A 212 15.94 6.93 -13.13
N ARG A 213 14.98 6.67 -14.02
CA ARG A 213 14.96 7.34 -15.32
C ARG A 213 13.54 7.40 -15.84
N LYS A 214 13.34 8.31 -16.79
CA LYS A 214 12.04 8.41 -17.45
C LYS A 214 11.84 7.10 -18.21
N GLY A 215 10.73 6.40 -17.97
CA GLY A 215 10.37 5.26 -18.80
C GLY A 215 11.10 3.94 -18.58
N HIS A 216 11.55 3.66 -17.36
CA HIS A 216 12.29 2.42 -17.08
C HIS A 216 11.75 1.67 -15.87
N SER A 217 10.48 1.32 -15.87
CA SER A 217 9.87 0.61 -14.74
C SER A 217 9.79 -0.89 -15.04
N VAL A 218 9.89 -1.70 -13.99
CA VAL A 218 9.73 -3.15 -14.12
C VAL A 218 8.33 -3.48 -14.61
N LEU A 219 7.37 -2.55 -14.40
CA LEU A 219 6.02 -2.82 -14.88
C LEU A 219 5.97 -2.90 -16.40
N GLU A 220 6.91 -2.25 -17.07
CA GLU A 220 6.93 -2.28 -18.54
C GLU A 220 8.04 -3.17 -19.10
N LEU A 221 8.71 -3.94 -18.25
CA LEU A 221 9.72 -4.86 -18.73
C LEU A 221 9.06 -6.00 -19.48
N LYS A 222 9.51 -6.24 -20.71
CA LYS A 222 8.97 -7.32 -21.52
C LYS A 222 10.03 -8.40 -21.66
N GLU A 223 9.63 -9.54 -22.23
CA GLU A 223 10.62 -10.56 -22.56
C GLU A 223 10.30 -11.21 -23.90
N ALA A 224 11.35 -11.45 -24.69
CA ALA A 224 11.23 -12.04 -26.02
C ALA A 224 11.61 -13.53 -25.98
N ARG A 225 10.76 -14.36 -26.54
CA ARG A 225 10.99 -15.78 -26.75
C ARG A 225 10.83 -16.07 -28.23
N PHE A 226 11.68 -16.94 -28.79
CA PHE A 226 11.49 -17.35 -30.17
C PHE A 226 10.67 -18.63 -30.20
N GLY A 227 9.58 -18.62 -30.97
CA GLY A 227 8.68 -19.74 -31.11
C GLY A 227 9.23 -20.87 -31.99
N PRO A 228 8.49 -21.99 -32.03
CA PRO A 228 8.95 -23.12 -32.87
C PRO A 228 9.14 -22.73 -34.32
N ASP A 229 8.26 -21.87 -34.86
CA ASP A 229 8.38 -21.25 -36.18
C ASP A 229 9.52 -20.24 -36.30
N GLY A 230 10.13 -19.82 -35.18
CA GLY A 230 11.19 -18.83 -35.19
C GLY A 230 10.71 -17.38 -35.03
N VAL A 231 9.43 -17.15 -34.88
CA VAL A 231 8.93 -15.79 -34.84
C VAL A 231 9.06 -15.34 -33.39
N PRO A 232 9.55 -14.13 -33.11
CA PRO A 232 9.67 -13.71 -31.70
C PRO A 232 8.29 -13.47 -31.13
N VAL A 233 8.07 -13.92 -29.90
CA VAL A 233 6.84 -13.57 -29.20
C VAL A 233 7.23 -12.87 -27.89
N ILE A 234 6.51 -11.80 -27.58
CA ILE A 234 6.87 -10.91 -26.49
C ILE A 234 5.75 -10.88 -25.46
N HIS A 235 6.12 -11.03 -24.19
CA HIS A 235 5.23 -11.13 -23.04
C HIS A 235 5.70 -10.12 -22.00
N ARG A 236 4.83 -9.73 -21.04
CA ARG A 236 5.30 -8.90 -19.93
C ARG A 236 6.03 -9.79 -18.92
N TYR A 237 7.22 -9.35 -18.47
CA TYR A 237 8.01 -10.16 -17.55
C TYR A 237 7.21 -10.54 -16.30
N LEU A 238 6.48 -9.59 -15.73
CA LEU A 238 5.81 -9.86 -14.46
C LEU A 238 4.62 -10.82 -14.59
N ASP A 239 4.14 -11.11 -15.81
CA ASP A 239 3.00 -12.02 -15.91
C ASP A 239 3.27 -13.39 -15.29
N SER A 240 4.51 -13.87 -15.28
CA SER A 240 4.75 -15.14 -14.64
C SER A 240 5.40 -15.00 -13.26
N PHE A 241 5.54 -13.78 -12.73
CA PHE A 241 6.17 -13.61 -11.40
C PHE A 241 5.38 -14.41 -10.36
N PRO A 242 6.00 -15.34 -9.62
CA PRO A 242 5.21 -16.31 -8.84
C PRO A 242 4.78 -15.89 -7.45
N PHE A 243 5.29 -14.82 -6.92
CA PHE A 243 5.06 -14.52 -5.52
C PHE A 243 3.60 -14.12 -5.30
N PRO A 244 2.92 -14.70 -4.32
CA PRO A 244 1.49 -14.36 -4.08
C PRO A 244 1.28 -12.99 -3.47
N TYR A 245 2.22 -12.49 -2.68
CA TYR A 245 2.07 -11.19 -2.04
C TYR A 245 3.23 -10.32 -2.47
N TYR A 246 2.99 -9.30 -3.27
CA TYR A 246 4.09 -8.41 -3.60
C TYR A 246 3.61 -6.98 -3.74
N LEU A 247 4.54 -6.05 -3.47
CA LEU A 247 4.35 -4.60 -3.49
C LEU A 247 5.30 -4.00 -4.52
N ILE A 248 4.88 -2.88 -5.10
CA ILE A 248 5.75 -2.15 -6.02
C ILE A 248 6.15 -0.85 -5.33
N VAL A 249 7.47 -0.60 -5.18
CA VAL A 249 7.93 0.61 -4.53
C VAL A 249 8.51 1.54 -5.58
N HIS A 250 7.70 2.54 -5.96
CA HIS A 250 8.16 3.63 -6.83
C HIS A 250 8.83 4.76 -6.04
N HIS A 251 8.34 5.02 -4.84
CA HIS A 251 8.92 6.04 -3.95
C HIS A 251 8.85 5.44 -2.57
N LEU A 252 9.75 5.85 -1.68
CA LEU A 252 9.72 5.31 -0.31
C LEU A 252 8.36 5.53 0.32
N GLU A 253 7.72 6.66 0.00
CA GLU A 253 6.42 7.03 0.55
C GLU A 253 5.35 5.96 0.27
N ASP A 254 5.57 5.11 -0.75
CA ASP A 254 4.67 3.98 -1.09
C ASP A 254 4.68 2.86 -0.05
N LEU A 255 5.77 2.70 0.72
CA LEU A 255 5.94 1.39 1.36
C LEU A 255 5.07 1.17 2.61
N PRO A 256 4.96 2.14 3.55
CA PRO A 256 4.29 1.84 4.82
C PRO A 256 2.85 1.38 4.63
N GLY A 257 2.06 2.13 3.84
CA GLY A 257 0.62 1.78 3.72
C GLY A 257 0.41 0.45 3.04
N ALA A 258 1.22 0.18 2.01
CA ALA A 258 1.05 -1.05 1.22
C ALA A 258 1.46 -2.29 2.01
N LEU A 259 2.57 -2.19 2.72
CA LEU A 259 3.04 -3.30 3.55
C LEU A 259 2.05 -3.52 4.71
N ALA A 260 1.57 -2.43 5.32
CA ALA A 260 0.54 -2.59 6.37
C ALA A 260 -0.75 -3.23 5.83
N ALA A 261 -1.19 -2.82 4.63
CA ALA A 261 -2.41 -3.36 4.04
C ALA A 261 -2.31 -4.86 3.81
N LEU A 262 -1.15 -5.33 3.29
CA LEU A 262 -0.99 -6.75 3.04
C LEU A 262 -0.96 -7.55 4.36
N LEU A 263 -0.27 -7.05 5.34
CA LEU A 263 -0.18 -7.79 6.60
C LEU A 263 -1.54 -7.78 7.31
N ARG A 264 -2.19 -6.62 7.29
CA ARG A 264 -3.50 -6.44 7.94
C ARG A 264 -4.46 -7.49 7.44
N THR A 265 -4.47 -7.69 6.13
CA THR A 265 -5.39 -8.56 5.46
C THR A 265 -4.99 -10.02 5.58
N TRP A 266 -3.72 -10.34 5.35
CA TRP A 266 -3.31 -11.71 5.07
C TRP A 266 -2.32 -12.34 6.06
N PHE A 267 -1.58 -11.54 6.82
CA PHE A 267 -0.92 -12.09 8.01
C PHE A 267 -1.95 -12.41 9.09
N ALA A 268 -2.89 -11.47 9.33
CA ALA A 268 -3.92 -11.61 10.37
C ALA A 268 -4.99 -12.66 10.04
N GLU A 269 -5.81 -12.42 8.98
CA GLU A 269 -6.97 -13.28 8.52
C GLU A 269 -7.18 -14.57 9.32
N VAL B 15 19.16 -21.33 -21.76
CA VAL B 15 17.99 -20.45 -21.95
C VAL B 15 18.13 -19.26 -20.98
N ALA B 16 19.37 -18.94 -20.62
CA ALA B 16 19.63 -17.74 -19.83
C ALA B 16 19.25 -16.49 -20.63
N GLN B 17 18.88 -15.44 -19.90
CA GLN B 17 18.39 -14.20 -20.46
C GLN B 17 19.29 -13.04 -20.05
N VAL B 18 19.37 -12.07 -20.92
CA VAL B 18 20.08 -10.80 -20.70
C VAL B 18 19.11 -9.65 -20.78
N LYS B 19 19.23 -8.65 -19.88
CA LYS B 19 18.34 -7.48 -19.96
C LYS B 19 18.93 -6.40 -20.88
N VAL B 20 18.16 -5.99 -21.89
CA VAL B 20 18.64 -4.95 -22.80
C VAL B 20 17.68 -3.78 -22.83
N ILE B 21 18.22 -2.60 -23.11
CA ILE B 21 17.40 -1.41 -23.35
C ILE B 21 17.70 -0.89 -24.72
N PHE B 22 16.67 -0.81 -25.59
CA PHE B 22 16.89 -0.33 -26.94
C PHE B 22 16.81 1.18 -26.96
N THR B 23 17.68 1.77 -27.74
CA THR B 23 17.60 3.20 -27.98
C THR B 23 18.02 3.51 -29.42
N THR B 24 17.60 4.68 -29.90
CA THR B 24 18.01 5.08 -31.24
C THR B 24 18.16 6.59 -31.30
N THR B 25 19.04 7.05 -32.20
CA THR B 25 19.11 8.49 -32.49
C THR B 25 18.42 8.86 -33.80
N GLU B 26 17.91 7.86 -34.61
CA GLU B 26 17.19 8.03 -35.88
C GLU B 26 15.73 8.42 -35.63
N PRO B 27 15.18 9.37 -36.45
CA PRO B 27 13.90 10.02 -36.10
C PRO B 27 12.68 9.11 -36.16
N ASP B 28 12.53 8.44 -37.31
CA ASP B 28 11.31 7.72 -37.63
C ASP B 28 11.25 6.33 -37.01
N LEU B 29 12.26 5.95 -36.21
CA LEU B 29 12.39 4.56 -35.80
C LEU B 29 12.36 4.36 -34.29
N GLU B 30 11.78 5.30 -33.53
CA GLU B 30 11.68 5.15 -32.08
C GLU B 30 10.59 4.15 -31.72
N LEU B 31 10.81 3.42 -30.63
CA LEU B 31 9.81 2.57 -30.01
C LEU B 31 9.07 3.38 -28.96
N PRO B 32 7.83 3.04 -28.64
CA PRO B 32 7.23 3.64 -27.43
C PRO B 32 8.05 3.22 -26.22
N GLU B 33 8.08 4.11 -25.20
CA GLU B 33 8.87 3.88 -24.01
C GLU B 33 8.59 2.51 -23.42
N SER B 34 7.32 2.08 -23.49
CA SER B 34 6.89 0.81 -22.92
C SER B 34 7.48 -0.41 -23.61
N LYS B 35 8.05 -0.26 -24.82
CA LYS B 35 8.64 -1.41 -25.52
C LYS B 35 10.16 -1.40 -25.56
N ARG B 36 10.84 -0.46 -24.86
CA ARG B 36 12.29 -0.39 -25.02
C ARG B 36 13.08 -1.33 -24.11
N GLN B 37 12.48 -1.81 -23.03
CA GLN B 37 13.21 -2.69 -22.10
C GLN B 37 12.80 -4.12 -22.33
N LEU B 38 13.77 -5.01 -22.61
CA LEU B 38 13.44 -6.37 -23.03
C LEU B 38 14.44 -7.38 -22.46
N LEU B 39 13.94 -8.49 -21.95
CA LEU B 39 14.80 -9.66 -21.69
C LEU B 39 14.90 -10.48 -22.96
N VAL B 40 16.12 -10.83 -23.36
CA VAL B 40 16.35 -11.59 -24.59
C VAL B 40 17.25 -12.78 -24.26
N PRO B 41 17.15 -13.85 -25.05
CA PRO B 41 18.07 -14.98 -24.88
C PRO B 41 19.52 -14.53 -24.97
N ALA B 42 20.35 -15.02 -24.04
CA ALA B 42 21.72 -14.53 -23.91
C ALA B 42 22.59 -14.88 -25.12
N ASP B 43 22.25 -15.93 -25.84
CA ASP B 43 23.03 -16.36 -26.99
C ASP B 43 22.62 -15.66 -28.27
N ILE B 44 21.73 -14.66 -28.19
CA ILE B 44 21.29 -13.92 -29.39
C ILE B 44 22.45 -13.07 -29.94
N ARG B 45 22.48 -12.90 -31.25
CA ARG B 45 23.42 -12.04 -31.98
C ARG B 45 22.64 -10.93 -32.66
N ARG B 46 23.36 -10.06 -33.40
CA ARG B 46 22.66 -8.94 -34.06
C ARG B 46 21.56 -9.42 -35.00
N TYR B 47 21.74 -10.55 -35.70
CA TYR B 47 20.73 -11.06 -36.63
C TYR B 47 19.38 -11.24 -35.93
N GLY B 48 19.40 -11.97 -34.81
CA GLY B 48 18.19 -12.15 -34.00
C GLY B 48 17.65 -10.86 -33.37
N LEU B 49 18.54 -9.98 -32.86
CA LEU B 49 18.04 -8.71 -32.32
C LEU B 49 17.32 -7.91 -33.41
N SER B 50 17.83 -7.93 -34.64
CA SER B 50 17.17 -7.17 -35.72
C SER B 50 15.79 -7.73 -36.02
N ARG B 51 15.66 -9.07 -36.00
CA ARG B 51 14.35 -9.69 -36.18
C ARG B 51 13.36 -9.28 -35.11
N ILE B 52 13.80 -9.23 -33.85
CA ILE B 52 12.94 -8.76 -32.78
C ILE B 52 12.45 -7.34 -33.05
N LEU B 53 13.40 -6.45 -33.38
CA LEU B 53 13.03 -5.03 -33.59
C LEU B 53 12.03 -4.88 -34.72
N ASN B 54 12.20 -5.66 -35.80
CA ASN B 54 11.31 -5.57 -36.95
C ASN B 54 9.95 -6.20 -36.68
N SER B 55 9.80 -6.93 -35.57
CA SER B 55 8.61 -7.77 -35.35
C SER B 55 7.36 -6.92 -35.09
N GLU B 56 6.21 -7.60 -35.18
CA GLU B 56 4.87 -6.99 -35.09
C GLU B 56 4.68 -6.18 -33.80
N SER B 57 5.13 -6.70 -32.63
CA SER B 57 4.98 -6.02 -31.34
C SER B 57 6.00 -4.90 -31.10
N MET B 58 6.98 -4.74 -31.98
CA MET B 58 8.03 -3.74 -31.81
C MET B 58 7.91 -2.68 -32.89
N LEU B 59 8.87 -2.56 -33.84
CA LEU B 59 8.74 -1.48 -34.82
C LEU B 59 7.71 -1.82 -35.89
N ASP B 60 7.50 -3.11 -36.14
CA ASP B 60 6.59 -3.61 -37.20
C ASP B 60 7.00 -3.09 -38.58
N THR B 61 8.30 -3.07 -38.85
CA THR B 61 8.89 -2.58 -40.10
C THR B 61 9.28 -3.74 -41.03
N GLY B 62 9.08 -4.98 -40.63
CA GLY B 62 9.26 -6.12 -41.50
C GLY B 62 10.66 -6.64 -41.61
N SER B 63 11.58 -5.98 -42.34
CA SER B 63 12.86 -6.63 -42.62
C SER B 63 14.04 -5.65 -42.81
N ILE B 64 14.03 -4.52 -42.11
CA ILE B 64 15.16 -3.59 -42.13
C ILE B 64 16.34 -4.23 -41.42
N PRO B 65 17.51 -4.39 -42.03
CA PRO B 65 18.64 -4.95 -41.26
C PRO B 65 19.23 -3.88 -40.35
N PHE B 66 19.25 -4.15 -39.05
CA PHE B 66 19.80 -3.22 -38.07
C PHE B 66 21.15 -3.71 -37.56
N ASP B 67 22.05 -2.75 -37.28
CA ASP B 67 23.27 -2.92 -36.49
C ASP B 67 23.04 -2.36 -35.08
N PHE B 68 23.90 -2.75 -34.13
CA PHE B 68 23.72 -2.32 -32.74
C PHE B 68 25.06 -1.85 -32.18
N LEU B 69 25.05 -0.68 -31.54
CA LEU B 69 26.22 -0.13 -30.85
C LEU B 69 26.02 -0.32 -29.34
N ILE B 70 27.05 -0.74 -28.64
CA ILE B 70 27.03 -0.73 -27.17
C ILE B 70 28.13 0.24 -26.75
N ASN B 71 27.76 1.34 -26.09
CA ASN B 71 28.72 2.35 -25.65
C ASN B 71 29.65 2.74 -26.81
N GLY B 72 29.08 3.07 -27.96
CA GLY B 72 29.89 3.53 -29.07
C GLY B 72 30.67 2.49 -29.84
N SER B 73 30.48 1.22 -29.58
CA SER B 73 31.20 0.17 -30.31
C SER B 73 30.20 -0.86 -30.84
N PHE B 74 30.39 -1.28 -32.09
CA PHE B 74 29.45 -2.20 -32.76
C PHE B 74 29.49 -3.60 -32.18
N LEU B 75 28.29 -4.18 -32.01
CA LEU B 75 28.11 -5.55 -31.53
C LEU B 75 28.48 -6.54 -32.62
N ARG B 76 29.45 -7.39 -32.32
CA ARG B 76 29.97 -8.33 -33.30
C ARG B 76 29.91 -9.78 -32.86
N SER B 77 29.32 -10.07 -31.70
CA SER B 77 29.26 -11.43 -31.14
C SER B 77 27.87 -11.64 -30.52
N SER B 78 27.67 -12.79 -29.88
CA SER B 78 26.46 -12.94 -29.07
C SER B 78 26.55 -12.02 -27.86
N LEU B 79 25.40 -11.78 -27.19
CA LEU B 79 25.44 -10.90 -26.03
C LEU B 79 26.24 -11.55 -24.90
N GLU B 80 26.11 -12.88 -24.73
CA GLU B 80 26.83 -13.53 -23.64
C GLU B 80 28.36 -13.46 -23.84
N ASP B 81 28.81 -13.59 -25.09
CA ASP B 81 30.23 -13.45 -25.37
C ASP B 81 30.68 -12.00 -25.24
N TYR B 82 29.80 -11.04 -25.55
CA TYR B 82 30.10 -9.64 -25.28
C TYR B 82 30.32 -9.42 -23.77
N LEU B 83 29.42 -9.98 -22.95
CA LEU B 83 29.57 -9.89 -21.50
C LEU B 83 30.87 -10.54 -21.03
N THR B 84 31.10 -11.76 -21.46
CA THR B 84 32.31 -12.47 -21.01
C THR B 84 33.58 -11.72 -21.39
N SER B 85 33.64 -11.21 -22.62
CA SER B 85 34.81 -10.47 -23.09
C SER B 85 35.09 -9.23 -22.26
N ASN B 86 34.05 -8.63 -21.71
CA ASN B 86 34.24 -7.41 -20.93
C ASN B 86 34.20 -7.66 -19.42
N GLY B 87 34.29 -8.91 -18.98
CA GLY B 87 34.23 -9.20 -17.56
C GLY B 87 32.89 -8.91 -16.88
N LEU B 88 31.77 -9.04 -17.59
CA LEU B 88 30.46 -8.69 -17.04
C LEU B 88 29.65 -9.96 -16.86
N SER B 89 28.69 -9.94 -15.92
CA SER B 89 27.80 -11.08 -15.69
C SER B 89 26.46 -10.84 -16.34
N LEU B 90 25.60 -11.87 -16.24
CA LEU B 90 24.22 -11.73 -16.72
C LEU B 90 23.41 -10.72 -15.91
N GLU B 91 23.94 -10.21 -14.77
CA GLU B 91 23.26 -9.16 -13.99
C GLU B 91 23.28 -7.80 -14.69
N THR B 92 24.11 -7.65 -15.74
CA THR B 92 24.34 -6.35 -16.37
C THR B 92 23.21 -6.01 -17.36
N THR B 93 22.69 -4.80 -17.29
CA THR B 93 21.77 -4.30 -18.34
C THR B 93 22.59 -3.72 -19.48
N LEU B 94 22.33 -4.16 -20.71
CA LEU B 94 23.06 -3.58 -21.82
C LEU B 94 22.19 -2.59 -22.58
N THR B 95 22.71 -1.40 -22.86
CA THR B 95 22.00 -0.42 -23.70
C THR B 95 22.41 -0.64 -25.16
N LEU B 96 21.45 -1.04 -26.01
CA LEU B 96 21.73 -1.34 -27.41
C LEU B 96 21.16 -0.22 -28.26
N GLN B 97 22.04 0.50 -28.92
CA GLN B 97 21.62 1.54 -29.86
C GLN B 97 21.45 0.92 -31.24
N TYR B 98 20.24 0.99 -31.81
CA TYR B 98 20.06 0.42 -33.13
C TYR B 98 20.20 1.45 -34.24
N VAL B 99 20.90 1.05 -35.32
CA VAL B 99 21.20 1.87 -36.50
C VAL B 99 20.89 1.06 -37.75
N ARG B 100 20.32 1.70 -38.80
CA ARG B 100 20.10 0.95 -40.05
C ARG B 100 21.43 0.38 -40.60
N SER B 101 21.43 -0.88 -41.02
CA SER B 101 22.64 -1.46 -41.62
C SER B 101 22.97 -0.86 -42.97
N PRO C 11 -28.17 19.67 -2.22
CA PRO C 11 -27.37 20.91 -2.38
C PRO C 11 -26.10 20.70 -3.26
N LEU C 12 -25.80 21.69 -4.11
CA LEU C 12 -24.68 21.61 -5.04
C LEU C 12 -23.66 22.70 -4.83
N ARG C 13 -22.39 22.35 -5.03
CA ARG C 13 -21.36 23.35 -5.17
C ARG C 13 -21.62 24.10 -6.48
N ASP C 14 -21.09 25.32 -6.56
CA ASP C 14 -21.05 26.02 -7.84
C ASP C 14 -20.28 25.19 -8.86
N TYR C 15 -20.81 25.09 -10.10
CA TYR C 15 -20.16 24.28 -11.13
C TYR C 15 -18.72 24.72 -11.38
N GLY C 16 -18.47 26.04 -11.46
CA GLY C 16 -17.11 26.53 -11.68
C GLY C 16 -16.15 26.17 -10.55
N GLU C 17 -16.62 26.25 -9.31
CA GLU C 17 -15.79 25.84 -8.17
C GLU C 17 -15.44 24.37 -8.28
N ALA C 18 -16.42 23.55 -8.69
CA ALA C 18 -16.19 22.11 -8.78
C ALA C 18 -15.21 21.78 -9.92
N LEU C 19 -15.34 22.48 -11.06
CA LEU C 19 -14.39 22.28 -12.18
C LEU C 19 -12.98 22.69 -11.79
N GLU C 20 -12.83 23.81 -11.09
CA GLU C 20 -11.51 24.25 -10.63
C GLU C 20 -10.91 23.23 -9.66
N MET C 21 -11.73 22.71 -8.75
CA MET C 21 -11.26 21.67 -7.84
C MET C 21 -10.80 20.44 -8.61
N TRP C 22 -11.62 19.98 -9.56
CA TRP C 22 -11.26 18.79 -10.30
C TRP C 22 -9.94 19.02 -11.02
N SER C 23 -9.80 20.17 -11.65
CA SER C 23 -8.59 20.43 -12.43
C SER C 23 -7.37 20.59 -11.52
N THR C 24 -7.54 21.27 -10.39
CA THR C 24 -6.47 21.39 -9.41
C THR C 24 -6.07 20.04 -8.82
N PHE C 25 -7.06 19.23 -8.41
CA PHE C 25 -6.70 17.90 -7.89
C PHE C 25 -6.09 17.01 -8.98
N GLN C 26 -6.58 17.13 -10.22
CA GLN C 26 -6.00 16.29 -11.27
C GLN C 26 -4.52 16.58 -11.48
N THR C 27 -4.16 17.85 -11.55
CA THR C 27 -2.76 18.24 -11.71
C THR C 27 -1.93 17.80 -10.51
N LYS C 28 -2.45 18.00 -9.31
CA LYS C 28 -1.74 17.64 -8.07
C LYS C 28 -1.51 16.13 -7.95
N THR C 29 -2.44 15.31 -8.44
CA THR C 29 -2.32 13.86 -8.22
C THR C 29 -1.86 13.13 -9.46
N GLN C 30 -1.44 13.85 -10.51
CA GLN C 30 -1.20 13.15 -11.79
C GLN C 30 -0.11 12.08 -11.65
N ALA C 31 0.98 12.37 -10.92
CA ALA C 31 2.04 11.34 -10.83
C ALA C 31 1.53 10.09 -10.10
N LEU C 32 0.74 10.29 -9.04
CA LEU C 32 0.19 9.17 -8.27
C LEU C 32 -0.80 8.36 -9.12
N SER C 33 -1.65 9.04 -9.88
CA SER C 33 -2.58 8.33 -10.77
C SER C 33 -1.82 7.48 -11.78
N GLN C 34 -0.72 8.05 -12.32
CA GLN C 34 0.09 7.31 -13.28
C GLN C 34 0.72 6.08 -12.64
N SER C 35 1.20 6.23 -11.39
CA SER C 35 1.74 5.08 -10.64
C SER C 35 0.67 4.03 -10.42
N LEU C 36 -0.54 4.45 -10.00
CA LEU C 36 -1.62 3.48 -9.82
C LEU C 36 -2.02 2.83 -11.14
N SER C 37 -2.23 3.62 -12.21
CA SER C 37 -2.74 3.01 -13.44
C SER C 37 -1.71 2.06 -14.07
N SER C 38 -0.45 2.39 -14.01
CA SER C 38 0.49 1.39 -14.55
C SER C 38 0.44 0.05 -13.78
N GLN C 39 0.20 0.06 -12.45
CA GLN C 39 0.02 -1.20 -11.74
C GLN C 39 -1.29 -1.88 -12.11
N LEU C 40 -2.40 -1.11 -12.21
CA LEU C 40 -3.69 -1.68 -12.57
C LEU C 40 -3.64 -2.34 -13.96
N ARG C 41 -2.87 -1.77 -14.89
CA ARG C 41 -2.75 -2.39 -16.22
C ARG C 41 -2.27 -3.84 -16.12
N LEU C 42 -1.35 -4.12 -15.18
CA LEU C 42 -0.88 -5.49 -15.01
C LEU C 42 -1.89 -6.38 -14.31
N ILE C 43 -2.58 -5.85 -13.31
CA ILE C 43 -3.53 -6.65 -12.53
C ILE C 43 -4.79 -6.94 -13.36
N LEU C 44 -5.24 -5.96 -14.14
CA LEU C 44 -6.56 -6.06 -14.77
C LEU C 44 -6.56 -6.37 -16.27
N THR C 45 -5.43 -6.22 -16.99
CA THR C 45 -5.44 -6.44 -18.45
C THR C 45 -4.33 -7.40 -18.88
N GLY C 46 -4.34 -7.74 -20.18
CA GLY C 46 -3.29 -8.57 -20.80
C GLY C 46 -3.23 -10.00 -20.29
N LYS C 52 -10.42 -12.64 -21.41
CA LYS C 52 -11.23 -11.44 -21.68
C LYS C 52 -12.26 -11.08 -20.60
N ARG C 53 -11.86 -10.13 -19.76
CA ARG C 53 -12.57 -9.69 -18.57
C ARG C 53 -13.29 -8.37 -18.82
N ALA C 54 -14.26 -8.09 -17.97
CA ALA C 54 -14.89 -6.78 -17.89
C ALA C 54 -14.91 -6.38 -16.41
N TYR C 55 -14.87 -5.08 -16.17
CA TYR C 55 -14.82 -4.54 -14.81
C TYR C 55 -15.86 -3.44 -14.60
N GLN C 56 -16.49 -3.44 -13.41
CA GLN C 56 -17.41 -2.38 -12.99
C GLN C 56 -16.95 -1.98 -11.60
N ILE C 57 -16.55 -0.71 -11.42
CA ILE C 57 -16.00 -0.22 -10.15
C ILE C 57 -16.93 0.89 -9.66
N LEU C 58 -17.40 0.80 -8.41
CA LEU C 58 -18.20 1.88 -7.84
C LEU C 58 -17.33 2.58 -6.79
N LEU C 59 -17.14 3.90 -6.95
CA LEU C 59 -16.44 4.70 -5.94
C LEU C 59 -17.53 5.31 -5.03
N CYS C 60 -17.58 4.88 -3.74
CA CYS C 60 -18.65 5.24 -2.82
C CYS C 60 -18.05 6.26 -1.83
N VAL C 61 -18.48 7.49 -1.92
CA VAL C 61 -17.84 8.60 -1.20
C VAL C 61 -18.80 9.03 -0.09
N ASP C 62 -18.25 9.13 1.11
CA ASP C 62 -19.00 9.56 2.32
C ASP C 62 -19.30 11.05 2.26
N ASP C 63 -20.63 11.38 2.23
CA ASP C 63 -21.11 12.76 2.14
C ASP C 63 -21.59 13.24 3.53
N SER C 64 -21.23 12.51 4.61
CA SER C 64 -21.72 12.91 5.94
C SER C 64 -20.92 14.10 6.50
N SER C 65 -21.53 14.81 7.50
CA SER C 65 -20.81 16.02 7.94
C SER C 65 -19.62 15.75 8.89
N SER C 66 -19.40 14.54 9.37
CA SER C 66 -18.15 14.22 10.08
C SER C 66 -16.96 14.43 9.16
N MET C 67 -17.19 14.40 7.82
CA MET C 67 -16.12 14.55 6.87
C MET C 67 -15.66 16.01 6.74
N SER C 68 -16.47 16.97 7.20
CA SER C 68 -16.32 18.33 6.69
C SER C 68 -15.52 19.24 7.61
N ASP C 69 -14.97 20.28 6.95
CA ASP C 69 -14.19 21.34 7.61
C ASP C 69 -14.98 22.00 8.74
N ASP C 70 -16.32 22.10 8.60
CA ASP C 70 -17.17 22.62 9.67
C ASP C 70 -17.03 21.80 10.94
N ASN C 71 -16.68 20.53 10.79
CA ASN C 71 -16.34 19.64 11.89
C ASN C 71 -14.84 19.63 12.16
N ARG C 72 -14.10 20.60 11.59
CA ARG C 72 -12.65 20.67 11.74
C ARG C 72 -12.01 19.38 11.27
N SER C 73 -12.59 18.79 10.24
CA SER C 73 -12.04 17.60 9.63
C SER C 73 -11.62 17.89 8.20
N THR C 74 -10.47 17.35 7.81
CA THR C 74 -10.03 17.45 6.43
C THR C 74 -10.34 16.18 5.64
N ALA C 75 -11.11 15.25 6.23
CA ALA C 75 -11.41 13.97 5.58
C ALA C 75 -12.16 14.18 4.25
N GLY C 76 -13.12 15.12 4.20
CA GLY C 76 -13.85 15.36 2.94
C GLY C 76 -12.93 15.78 1.80
N ASN C 77 -12.03 16.74 2.05
CA ASN C 77 -11.05 17.19 1.07
C ASN C 77 -10.15 16.06 0.60
N LEU C 78 -9.61 15.28 1.54
CA LEU C 78 -8.77 14.13 1.15
C LEU C 78 -9.57 13.09 0.34
N ALA C 79 -10.84 12.84 0.71
CA ALA C 79 -11.66 11.90 -0.05
C ALA C 79 -11.86 12.39 -1.50
N LEU C 80 -12.06 13.69 -1.69
CA LEU C 80 -12.25 14.18 -3.08
C LEU C 80 -10.95 14.14 -3.88
N GLU C 81 -9.81 14.49 -3.26
CA GLU C 81 -8.51 14.35 -3.97
C GLU C 81 -8.27 12.90 -4.33
N SER C 82 -8.60 11.97 -3.41
CA SER C 82 -8.48 10.53 -3.64
C SER C 82 -9.41 10.08 -4.76
N LEU C 83 -10.64 10.59 -4.75
CA LEU C 83 -11.57 10.29 -5.81
C LEU C 83 -11.02 10.69 -7.18
N VAL C 84 -10.46 11.89 -7.28
CA VAL C 84 -9.90 12.32 -8.59
C VAL C 84 -8.72 11.44 -8.98
N MET C 85 -7.84 11.15 -8.01
CA MET C 85 -6.66 10.30 -8.30
C MET C 85 -7.08 8.93 -8.83
N VAL C 86 -8.03 8.28 -8.14
CA VAL C 86 -8.44 6.92 -8.51
C VAL C 86 -9.28 6.93 -9.80
N ALA C 87 -10.24 7.84 -9.91
CA ALA C 87 -11.05 7.85 -11.14
C ALA C 87 -10.15 8.10 -12.36
N ARG C 88 -9.17 9.00 -12.27
CA ARG C 88 -8.28 9.21 -13.43
C ARG C 88 -7.47 7.98 -13.73
N ALA C 89 -6.91 7.33 -12.68
CA ALA C 89 -6.14 6.13 -12.91
C ALA C 89 -6.99 5.08 -13.59
N LEU C 90 -8.24 4.97 -13.20
CA LEU C 90 -9.05 3.94 -13.78
C LEU C 90 -9.49 4.32 -15.18
N THR C 91 -9.42 5.62 -15.54
CA THR C 91 -9.98 6.18 -16.79
C THR C 91 -9.03 6.03 -17.97
N VAL C 92 -7.73 6.15 -17.73
CA VAL C 92 -6.75 5.92 -18.80
C VAL C 92 -6.61 4.44 -19.20
N LEU C 93 -7.13 3.50 -18.38
CA LEU C 93 -7.04 2.06 -18.63
C LEU C 93 -8.06 1.60 -19.66
N GLU C 94 -9.30 2.08 -19.54
CA GLU C 94 -10.47 1.60 -20.27
C GLU C 94 -10.66 0.11 -19.93
N ALA C 95 -11.50 -0.62 -20.70
CA ALA C 95 -11.96 -1.98 -20.41
C ALA C 95 -13.01 -2.01 -19.27
N GLY C 96 -13.13 -0.90 -18.55
CA GLY C 96 -13.96 -0.80 -17.36
C GLY C 96 -15.06 0.25 -17.42
N GLN C 97 -16.03 0.12 -16.53
CA GLN C 97 -17.06 1.12 -16.33
C GLN C 97 -16.87 1.64 -14.90
N ILE C 98 -16.89 2.96 -14.71
CA ILE C 98 -16.68 3.57 -13.37
C ILE C 98 -17.94 4.34 -12.99
N GLY C 99 -18.46 4.07 -11.81
CA GLY C 99 -19.61 4.79 -11.32
C GLY C 99 -19.27 5.40 -9.97
N VAL C 100 -20.01 6.42 -9.54
CA VAL C 100 -19.79 7.06 -8.25
C VAL C 100 -21.11 7.13 -7.49
N MET C 101 -21.07 6.79 -6.22
CA MET C 101 -22.22 6.96 -5.33
C MET C 101 -21.78 7.83 -4.17
N GLY C 102 -22.71 8.63 -3.64
CA GLY C 102 -22.51 9.41 -2.42
C GLY C 102 -23.43 8.84 -1.36
N PHE C 103 -22.97 8.88 -0.08
CA PHE C 103 -23.87 8.37 0.95
C PHE C 103 -23.75 9.14 2.26
N GLY C 104 -24.88 9.22 2.97
CA GLY C 104 -24.93 9.81 4.34
C GLY C 104 -26.14 9.20 5.02
N THR C 105 -27.22 10.01 5.15
CA THR C 105 -28.51 9.49 5.58
C THR C 105 -29.18 8.68 4.45
N ASP C 106 -28.93 9.04 3.19
CA ASP C 106 -29.38 8.23 2.05
C ASP C 106 -28.24 8.18 1.04
N VAL C 107 -28.44 7.36 0.00
CA VAL C 107 -27.44 7.08 -1.05
C VAL C 107 -27.92 7.69 -2.37
N PHE C 108 -27.03 8.43 -3.05
CA PHE C 108 -27.36 8.91 -4.38
C PHE C 108 -26.36 8.38 -5.41
N VAL C 109 -26.85 8.19 -6.63
CA VAL C 109 -25.97 7.78 -7.74
C VAL C 109 -25.46 9.09 -8.33
N ALA C 110 -24.20 9.41 -8.08
CA ALA C 110 -23.58 10.64 -8.62
C ALA C 110 -23.19 10.51 -10.08
N HIS C 111 -22.84 9.30 -10.51
CA HIS C 111 -22.36 9.05 -11.88
C HIS C 111 -22.62 7.59 -12.19
N ALA C 112 -23.33 7.30 -13.29
CA ALA C 112 -23.69 5.90 -13.55
C ALA C 112 -22.53 5.15 -14.19
N LEU C 113 -22.57 3.82 -14.06
CA LEU C 113 -21.59 2.98 -14.76
C LEU C 113 -21.64 3.21 -16.29
N THR C 114 -22.78 3.67 -16.82
CA THR C 114 -22.97 3.94 -18.25
C THR C 114 -22.74 5.40 -18.62
N ASP C 115 -22.42 6.28 -17.67
CA ASP C 115 -22.30 7.70 -17.96
C ASP C 115 -20.98 8.01 -18.70
N PRO C 116 -20.79 9.25 -19.18
CA PRO C 116 -19.56 9.58 -19.93
C PRO C 116 -18.32 9.35 -19.11
N PRO C 117 -17.20 8.97 -19.74
CA PRO C 117 -15.97 8.65 -18.98
C PRO C 117 -15.28 9.87 -18.39
N PHE C 118 -14.40 9.63 -17.41
CA PHE C 118 -13.74 10.73 -16.70
C PHE C 118 -12.50 11.26 -17.40
N THR C 119 -12.39 10.96 -18.69
CA THR C 119 -11.39 11.63 -19.52
C THR C 119 -11.76 13.08 -19.83
N SER C 120 -12.98 13.52 -19.56
CA SER C 120 -13.31 14.93 -19.75
C SER C 120 -13.52 15.56 -18.39
N GLN C 121 -12.95 16.74 -18.19
CA GLN C 121 -13.05 17.36 -16.87
C GLN C 121 -14.47 17.75 -16.49
N ASP C 122 -15.33 17.99 -17.49
CA ASP C 122 -16.72 18.34 -17.20
C ASP C 122 -17.42 17.22 -16.43
N ALA C 123 -17.21 15.96 -16.83
CA ALA C 123 -17.83 14.83 -16.12
C ALA C 123 -17.35 14.76 -14.67
N GLY C 124 -16.05 14.99 -14.45
CA GLY C 124 -15.53 14.96 -13.08
C GLY C 124 -16.12 16.06 -12.22
N ALA C 125 -16.18 17.27 -12.78
CA ALA C 125 -16.72 18.42 -12.07
C ALA C 125 -18.17 18.21 -11.68
N ARG C 126 -18.98 17.61 -12.58
CA ARG C 126 -20.39 17.32 -12.25
C ARG C 126 -20.53 16.39 -11.03
N VAL C 127 -19.57 15.48 -10.85
CA VAL C 127 -19.55 14.61 -9.66
C VAL C 127 -19.15 15.41 -8.42
N LEU C 128 -18.05 16.18 -8.50
CA LEU C 128 -17.61 16.93 -7.31
C LEU C 128 -18.69 17.90 -6.82
N GLN C 129 -19.51 18.45 -7.73
CA GLN C 129 -20.54 19.39 -7.33
C GLN C 129 -21.49 18.77 -6.34
N GLN C 130 -21.63 17.44 -6.35
CA GLN C 130 -22.66 16.80 -5.54
C GLN C 130 -22.20 16.50 -4.12
N PHE C 131 -20.96 16.78 -3.77
CA PHE C 131 -20.43 16.41 -2.45
C PHE C 131 -20.22 17.67 -1.62
N THR C 132 -21.07 17.82 -0.58
CA THR C 132 -20.99 18.98 0.30
C THR C 132 -20.73 18.64 1.77
N PHE C 133 -20.78 17.36 2.16
CA PHE C 133 -20.41 16.88 3.52
C PHE C 133 -21.26 17.57 4.58
N ARG C 134 -22.56 17.51 4.40
CA ARG C 134 -23.53 18.07 5.35
C ARG C 134 -24.54 17.06 5.86
N GLN C 135 -24.50 15.78 5.44
CA GLN C 135 -25.55 14.85 5.91
C GLN C 135 -25.44 14.53 7.40
N ASP C 136 -26.60 14.36 8.05
CA ASP C 136 -26.59 14.24 9.52
C ASP C 136 -26.36 12.84 10.03
N SER C 137 -26.08 11.84 9.20
CA SER C 137 -25.79 10.50 9.68
C SER C 137 -24.95 9.79 8.61
N THR C 138 -24.39 8.65 9.00
CA THR C 138 -23.47 7.91 8.12
C THR C 138 -24.00 6.46 8.10
N ASP C 139 -24.94 6.16 7.19
CA ASP C 139 -25.64 4.86 7.21
C ASP C 139 -24.96 3.87 6.28
N MET C 140 -23.93 3.22 6.81
CA MET C 140 -23.11 2.29 6.04
C MET C 140 -23.87 1.02 5.67
N VAL C 141 -24.84 0.62 6.49
CA VAL C 141 -25.69 -0.55 6.17
C VAL C 141 -26.50 -0.30 4.90
N LEU C 142 -27.16 0.86 4.84
CA LEU C 142 -27.88 1.24 3.62
C LEU C 142 -26.94 1.30 2.42
N LEU C 143 -25.71 1.83 2.61
CA LEU C 143 -24.76 1.88 1.50
C LEU C 143 -24.47 0.49 0.96
N LEU C 144 -24.16 -0.45 1.86
CA LEU C 144 -23.82 -1.78 1.36
C LEU C 144 -25.02 -2.41 0.67
N ARG C 145 -26.20 -2.25 1.27
CA ARG C 145 -27.42 -2.78 0.66
C ARG C 145 -27.58 -2.25 -0.75
N ARG C 146 -27.48 -0.92 -0.92
CA ARG C 146 -27.66 -0.32 -2.26
C ARG C 146 -26.57 -0.74 -3.23
N THR C 147 -25.33 -0.90 -2.72
CA THR C 147 -24.21 -1.28 -3.56
C THR C 147 -24.39 -2.71 -4.05
N ILE C 148 -24.77 -3.63 -3.15
CA ILE C 148 -25.00 -5.01 -3.57
C ILE C 148 -26.10 -5.05 -4.63
N ASP C 149 -27.21 -4.34 -4.39
CA ASP C 149 -28.32 -4.32 -5.35
C ASP C 149 -27.93 -3.67 -6.66
N HIS C 150 -27.14 -2.58 -6.62
CA HIS C 150 -26.71 -1.94 -7.85
C HIS C 150 -25.89 -2.91 -8.71
N PHE C 151 -24.95 -3.61 -8.07
CA PHE C 151 -24.10 -4.55 -8.80
C PHE C 151 -24.90 -5.76 -9.32
N ARG C 152 -25.90 -6.22 -8.57
CA ARG C 152 -26.69 -7.34 -9.05
C ARG C 152 -27.41 -7.00 -10.35
N GLU C 153 -28.01 -5.82 -10.40
CA GLU C 153 -28.72 -5.38 -11.59
C GLU C 153 -27.76 -5.07 -12.74
N ALA C 154 -26.59 -4.51 -12.41
CA ALA C 154 -25.56 -4.23 -13.41
C ALA C 154 -25.04 -5.50 -14.05
N ARG C 155 -24.97 -6.58 -13.29
CA ARG C 155 -24.55 -7.86 -13.86
C ARG C 155 -25.49 -8.28 -15.01
N LEU C 156 -26.79 -8.19 -14.78
CA LEU C 156 -27.72 -8.58 -15.83
C LEU C 156 -27.63 -7.67 -17.04
N ILE C 157 -27.53 -6.36 -16.82
CA ILE C 157 -27.49 -5.43 -17.94
C ILE C 157 -26.26 -5.65 -18.82
N GLN C 158 -25.08 -5.81 -18.22
CA GLN C 158 -23.89 -5.97 -19.05
C GLN C 158 -23.96 -7.25 -19.87
N ALA C 159 -24.48 -8.33 -19.27
CA ALA C 159 -24.57 -9.60 -19.97
C ALA C 159 -25.34 -9.45 -21.28
N SER C 160 -26.40 -8.63 -21.28
CA SER C 160 -27.24 -8.50 -22.47
C SER C 160 -26.46 -7.91 -23.63
N SER C 161 -25.95 -6.70 -23.47
CA SER C 161 -25.21 -6.09 -24.56
C SER C 161 -23.87 -6.80 -24.69
N GLU C 166 -18.46 -13.14 -21.20
CA GLU C 166 -18.61 -12.25 -20.04
C GLU C 166 -17.37 -12.05 -19.22
N ASP C 167 -17.45 -12.67 -18.05
CA ASP C 167 -16.43 -12.66 -17.01
C ASP C 167 -16.25 -11.23 -16.48
N LEU C 168 -17.27 -10.84 -15.74
CA LEU C 168 -17.39 -9.50 -15.20
C LEU C 168 -16.89 -9.49 -13.75
N TRP C 169 -16.01 -8.53 -13.42
CA TRP C 169 -15.50 -8.40 -12.05
C TRP C 169 -15.98 -7.07 -11.45
N GLN C 170 -16.46 -7.14 -10.22
CA GLN C 170 -17.13 -6.01 -9.58
C GLN C 170 -16.41 -5.63 -8.28
N LEU C 171 -16.14 -4.35 -8.13
CA LEU C 171 -15.31 -3.83 -7.04
C LEU C 171 -15.99 -2.57 -6.47
N ALA C 172 -16.15 -2.48 -5.17
CA ALA C 172 -16.64 -1.26 -4.54
C ALA C 172 -15.50 -0.69 -3.70
N LEU C 173 -15.16 0.56 -3.95
CA LEU C 173 -14.17 1.28 -3.13
C LEU C 173 -14.88 2.36 -2.30
N ILE C 174 -14.80 2.27 -0.95
CA ILE C 174 -15.48 3.21 -0.06
C ILE C 174 -14.46 4.23 0.44
N LEU C 175 -14.75 5.51 0.20
CA LEU C 175 -13.83 6.59 0.60
C LEU C 175 -14.50 7.33 1.77
N SER C 176 -13.99 7.16 2.98
CA SER C 176 -14.76 7.58 4.17
C SER C 176 -13.80 7.74 5.33
N ASP C 177 -14.21 8.55 6.33
CA ASP C 177 -13.40 8.60 7.57
C ASP C 177 -13.56 7.36 8.41
N GLY C 178 -14.45 6.44 8.02
CA GLY C 178 -14.55 5.17 8.72
C GLY C 178 -15.26 5.27 10.06
N LEU C 179 -15.92 6.39 10.37
CA LEU C 179 -16.57 6.59 11.67
C LEU C 179 -18.02 6.14 11.59
N VAL C 180 -18.31 4.95 12.12
CA VAL C 180 -19.70 4.57 12.21
C VAL C 180 -20.04 4.12 13.61
N GLN C 181 -21.32 4.19 13.89
CA GLN C 181 -21.81 3.78 15.20
C GLN C 181 -21.46 2.32 15.42
N SER C 182 -20.87 2.07 16.57
CA SER C 182 -20.23 0.80 16.86
C SER C 182 -21.19 -0.37 16.76
N ARG C 183 -22.44 -0.14 17.11
CA ARG C 183 -23.44 -1.18 16.97
C ARG C 183 -23.57 -1.66 15.54
N ASP C 184 -23.49 -0.73 14.58
CA ASP C 184 -23.66 -1.11 13.18
C ASP C 184 -22.56 -2.04 12.74
N HIS C 185 -21.38 -1.98 13.39
CA HIS C 185 -20.27 -2.86 13.04
C HIS C 185 -20.77 -4.30 12.88
N ALA C 186 -21.63 -4.75 13.80
CA ALA C 186 -22.21 -6.07 13.68
C ALA C 186 -23.14 -6.18 12.48
N ARG C 187 -24.05 -5.22 12.29
CA ARG C 187 -25.08 -5.34 11.24
C ARG C 187 -24.48 -5.33 9.82
N LEU C 188 -23.28 -4.77 9.68
CA LEU C 188 -22.56 -4.82 8.43
C LEU C 188 -22.07 -6.23 8.10
N ARG C 189 -21.85 -7.08 9.11
CA ARG C 189 -21.23 -8.37 8.81
C ARG C 189 -22.06 -9.25 7.86
N PRO C 190 -23.40 -9.39 8.01
CA PRO C 190 -24.16 -10.17 7.01
C PRO C 190 -24.11 -9.57 5.62
N LEU C 191 -24.08 -8.24 5.48
CA LEU C 191 -23.97 -7.63 4.15
C LEU C 191 -22.61 -7.86 3.55
N LEU C 192 -21.53 -7.79 4.35
CA LEU C 192 -20.21 -8.04 3.78
C LEU C 192 -20.07 -9.51 3.36
N ARG C 193 -20.68 -10.41 4.12
CA ARG C 193 -20.71 -11.81 3.70
C ARG C 193 -21.51 -11.99 2.41
N GLU C 194 -22.65 -11.32 2.31
CA GLU C 194 -23.43 -11.36 1.07
C GLU C 194 -22.65 -10.81 -0.12
N ALA C 195 -21.93 -9.70 0.07
CA ALA C 195 -21.13 -9.17 -1.04
C ALA C 195 -20.05 -10.18 -1.45
N MET C 196 -19.41 -10.83 -0.48
CA MET C 196 -18.39 -11.81 -0.83
C MET C 196 -18.96 -12.98 -1.61
N GLU C 197 -20.15 -13.44 -1.23
CA GLU C 197 -20.78 -14.56 -1.93
C GLU C 197 -21.07 -14.21 -3.37
N GLN C 198 -21.40 -12.96 -3.63
CA GLN C 198 -21.66 -12.50 -4.98
C GLN C 198 -20.39 -12.06 -5.68
N ARG C 199 -19.21 -12.30 -5.08
CA ARG C 199 -17.88 -12.00 -5.64
C ARG C 199 -17.63 -10.50 -5.88
N VAL C 200 -18.26 -9.66 -5.06
CA VAL C 200 -17.99 -8.21 -5.05
C VAL C 200 -16.86 -7.95 -4.05
N MET C 201 -15.71 -7.45 -4.52
CA MET C 201 -14.67 -7.09 -3.57
C MET C 201 -15.00 -5.70 -3.00
N VAL C 202 -15.00 -5.59 -1.69
CA VAL C 202 -15.28 -4.31 -1.02
C VAL C 202 -13.97 -3.88 -0.35
N VAL C 203 -13.45 -2.72 -0.72
CA VAL C 203 -12.26 -2.15 -0.11
C VAL C 203 -12.63 -0.85 0.59
N PHE C 204 -12.30 -0.71 1.87
CA PHE C 204 -12.58 0.50 2.61
C PHE C 204 -11.32 1.34 2.66
N ILE C 205 -11.40 2.58 2.20
CA ILE C 205 -10.21 3.43 2.14
C ILE C 205 -10.41 4.50 3.20
N VAL C 206 -9.72 4.33 4.32
CA VAL C 206 -10.00 5.16 5.50
C VAL C 206 -9.25 6.46 5.32
N MET C 207 -9.98 7.60 5.31
CA MET C 207 -9.37 8.93 5.22
C MET C 207 -8.93 9.34 6.62
N ASP C 208 -7.62 9.45 6.80
CA ASP C 208 -7.01 9.64 8.13
C ASP C 208 -5.90 10.68 8.01
N ASP C 209 -6.26 11.83 7.47
CA ASP C 209 -5.26 12.81 7.01
C ASP C 209 -4.26 13.12 8.12
N ALA C 210 -2.99 12.87 7.84
CA ALA C 210 -1.97 13.26 8.81
C ALA C 210 -1.88 14.76 8.89
N ARG C 211 -2.29 15.48 7.84
CA ARG C 211 -2.06 16.93 8.00
C ARG C 211 -3.10 17.63 8.84
N SER C 212 -4.14 16.93 9.32
CA SER C 212 -4.94 17.50 10.39
C SER C 212 -3.99 17.95 11.50
N ARG C 213 -3.11 17.06 11.97
CA ARG C 213 -1.93 17.41 12.75
C ARG C 213 -2.24 18.01 14.10
N LYS C 214 -3.48 17.96 14.48
CA LYS C 214 -3.83 18.09 15.85
C LYS C 214 -3.27 16.89 16.67
N GLY C 215 -2.45 16.05 16.03
CA GLY C 215 -1.82 14.89 16.65
C GLY C 215 -2.80 13.77 16.85
N HIS C 216 -3.78 13.65 15.95
CA HIS C 216 -4.99 12.84 16.13
C HIS C 216 -5.26 11.90 14.96
N SER C 217 -5.09 10.57 15.17
CA SER C 217 -5.31 9.55 14.13
C SER C 217 -6.42 8.56 14.52
N VAL C 218 -7.14 8.03 13.52
CA VAL C 218 -8.14 6.99 13.79
C VAL C 218 -7.47 5.75 14.37
N LEU C 219 -6.15 5.59 14.17
CA LEU C 219 -5.49 4.43 14.73
C LEU C 219 -5.48 4.49 16.26
N GLU C 220 -5.50 5.68 16.85
CA GLU C 220 -5.50 5.81 18.32
C GLU C 220 -6.87 6.19 18.88
N LEU C 221 -7.90 6.14 18.05
CA LEU C 221 -9.26 6.37 18.54
C LEU C 221 -9.68 5.25 19.47
N LYS C 222 -10.15 5.63 20.68
CA LYS C 222 -10.61 4.64 21.64
C LYS C 222 -12.12 4.75 21.78
N GLU C 223 -12.71 3.75 22.45
CA GLU C 223 -14.11 3.82 22.80
C GLU C 223 -14.30 3.28 24.22
N ALA C 224 -15.16 3.98 24.96
CA ALA C 224 -15.43 3.65 26.36
C ALA C 224 -16.74 2.87 26.44
N ARG C 225 -16.69 1.75 27.14
CA ARG C 225 -17.90 1.03 27.56
C ARG C 225 -17.96 0.89 29.06
N PHE C 226 -19.16 1.11 29.58
CA PHE C 226 -19.45 0.90 30.99
C PHE C 226 -20.01 -0.50 31.15
N GLY C 227 -19.40 -1.29 31.99
CA GLY C 227 -19.92 -2.61 32.24
C GLY C 227 -21.14 -2.59 33.16
N PRO C 228 -21.78 -3.76 33.30
CA PRO C 228 -22.89 -3.87 34.27
C PRO C 228 -22.42 -3.53 35.67
N ASP C 229 -21.14 -3.81 35.96
CA ASP C 229 -20.43 -3.34 37.15
C ASP C 229 -20.38 -1.82 37.30
N GLY C 230 -20.52 -1.06 36.20
CA GLY C 230 -20.36 0.38 36.20
C GLY C 230 -18.94 0.89 35.96
N VAL C 231 -17.96 0.01 35.81
CA VAL C 231 -16.57 0.44 35.65
C VAL C 231 -16.36 0.71 34.16
N PRO C 232 -15.75 1.83 33.80
CA PRO C 232 -15.52 2.09 32.35
C PRO C 232 -14.37 1.23 31.85
N VAL C 233 -14.57 0.59 30.72
CA VAL C 233 -13.51 -0.16 30.06
C VAL C 233 -13.29 0.44 28.67
N ILE C 234 -12.03 0.55 28.28
CA ILE C 234 -11.64 1.29 27.09
C ILE C 234 -11.04 0.30 26.09
N HIS C 235 -11.47 0.42 24.85
CA HIS C 235 -11.04 -0.45 23.76
C HIS C 235 -10.59 0.41 22.60
N ARG C 236 -9.80 -0.19 21.68
CA ARG C 236 -9.49 0.50 20.42
C ARG C 236 -10.66 0.39 19.43
N TYR C 237 -11.07 1.55 18.86
CA TYR C 237 -12.19 1.54 17.93
C TYR C 237 -11.99 0.54 16.79
N LEU C 238 -10.80 0.50 16.21
CA LEU C 238 -10.63 -0.30 14.99
C LEU C 238 -10.65 -1.81 15.26
N ASP C 239 -10.48 -2.24 16.51
CA ASP C 239 -10.53 -3.66 16.82
C ASP C 239 -11.86 -4.30 16.37
N SER C 240 -12.98 -3.58 16.35
CA SER C 240 -14.20 -4.24 15.86
C SER C 240 -14.63 -3.78 14.45
N PHE C 241 -13.82 -2.99 13.77
CA PHE C 241 -14.12 -2.55 12.39
C PHE C 241 -14.36 -3.77 11.50
N PRO C 242 -15.50 -3.87 10.79
CA PRO C 242 -15.86 -5.16 10.11
C PRO C 242 -15.23 -5.41 8.77
N PHE C 243 -14.70 -4.40 8.12
CA PHE C 243 -14.29 -4.56 6.74
C PHE C 243 -13.06 -5.46 6.62
N PRO C 244 -13.09 -6.48 5.74
CA PRO C 244 -11.94 -7.39 5.59
C PRO C 244 -10.76 -6.79 4.84
N TYR C 245 -10.99 -5.86 3.90
CA TYR C 245 -9.92 -5.23 3.16
C TYR C 245 -9.98 -3.74 3.42
N TYR C 246 -9.00 -3.19 4.14
CA TYR C 246 -9.00 -1.73 4.25
C TYR C 246 -7.58 -1.21 4.29
N LEU C 247 -7.44 0.04 3.88
CA LEU C 247 -6.23 0.84 3.77
C LEU C 247 -6.37 2.08 4.67
N ILE C 248 -5.25 2.56 5.18
CA ILE C 248 -5.20 3.80 5.94
C ILE C 248 -4.49 4.85 5.13
N VAL C 249 -5.16 5.96 4.83
CA VAL C 249 -4.56 7.03 4.04
C VAL C 249 -4.29 8.24 4.94
N HIS C 250 -3.02 8.43 5.33
CA HIS C 250 -2.55 9.63 6.03
C HIS C 250 -2.18 10.71 5.04
N HIS C 251 -1.61 10.30 3.91
CA HIS C 251 -1.18 11.16 2.82
C HIS C 251 -1.67 10.53 1.53
N LEU C 252 -1.96 11.37 0.53
CA LEU C 252 -2.37 10.85 -0.77
C LEU C 252 -1.32 9.87 -1.31
N GLU C 253 -0.05 10.14 -1.00
CA GLU C 253 1.05 9.30 -1.42
C GLU C 253 0.88 7.87 -0.90
N ASP C 254 0.09 7.66 0.18
CA ASP C 254 -0.21 6.32 0.72
C ASP C 254 -1.09 5.49 -0.19
N LEU C 255 -1.84 6.11 -1.14
CA LEU C 255 -2.93 5.31 -1.68
C LEU C 255 -2.54 4.37 -2.84
N PRO C 256 -1.79 4.80 -3.86
CA PRO C 256 -1.65 3.92 -5.06
C PRO C 256 -1.05 2.54 -4.76
N GLY C 257 0.03 2.49 -3.98
CA GLY C 257 0.71 1.21 -3.79
C GLY C 257 -0.12 0.26 -2.95
N ALA C 258 -0.80 0.79 -1.93
CA ALA C 258 -1.64 -0.02 -1.06
C ALA C 258 -2.86 -0.54 -1.79
N LEU C 259 -3.53 0.31 -2.58
CA LEU C 259 -4.72 -0.17 -3.28
C LEU C 259 -4.33 -1.20 -4.32
N ALA C 260 -3.23 -0.94 -5.04
CA ALA C 260 -2.75 -1.92 -6.01
C ALA C 260 -2.39 -3.23 -5.32
N ALA C 261 -1.70 -3.16 -4.16
CA ALA C 261 -1.32 -4.40 -3.48
C ALA C 261 -2.53 -5.23 -3.10
N LEU C 262 -3.58 -4.59 -2.58
CA LEU C 262 -4.75 -5.38 -2.19
C LEU C 262 -5.42 -6.00 -3.42
N LEU C 263 -5.57 -5.21 -4.49
CA LEU C 263 -6.21 -5.75 -5.68
C LEU C 263 -5.37 -6.84 -6.33
N ARG C 264 -4.04 -6.62 -6.35
CA ARG C 264 -3.11 -7.60 -6.92
C ARG C 264 -3.29 -8.97 -6.27
N THR C 265 -3.36 -9.00 -4.92
CA THR C 265 -3.46 -10.24 -4.19
C THR C 265 -4.84 -10.86 -4.31
N TRP C 266 -5.92 -10.07 -4.17
CA TRP C 266 -7.27 -10.65 -4.24
C TRP C 266 -7.61 -11.12 -5.64
N PHE C 267 -7.06 -10.48 -6.68
CA PHE C 267 -7.31 -11.01 -8.03
C PHE C 267 -6.54 -12.29 -8.26
N ALA C 268 -5.29 -12.36 -7.80
CA ALA C 268 -4.53 -13.61 -7.85
C ALA C 268 -5.14 -14.67 -6.93
N GLU C 269 -5.19 -14.40 -5.61
CA GLU C 269 -5.64 -15.39 -4.63
C GLU C 269 -7.16 -15.63 -4.70
N VAL C 270 -7.96 -14.54 -4.71
CA VAL C 270 -9.41 -14.55 -5.04
C VAL C 270 -10.27 -15.55 -4.28
N VAL D 15 -27.33 2.17 22.24
CA VAL D 15 -26.34 3.10 22.79
C VAL D 15 -25.61 3.84 21.66
N ALA D 16 -26.16 5.01 21.31
CA ALA D 16 -25.47 5.93 20.41
C ALA D 16 -24.22 6.48 21.09
N GLN D 17 -23.19 6.75 20.30
CA GLN D 17 -21.89 7.22 20.76
C GLN D 17 -21.60 8.59 20.17
N VAL D 18 -20.90 9.42 20.92
CA VAL D 18 -20.44 10.70 20.38
C VAL D 18 -18.92 10.70 20.51
N LYS D 19 -18.23 11.29 19.54
CA LYS D 19 -16.77 11.37 19.56
C LYS D 19 -16.32 12.62 20.31
N VAL D 20 -15.44 12.40 21.32
CA VAL D 20 -14.92 13.52 22.10
C VAL D 20 -13.39 13.53 22.04
N ILE D 21 -12.86 14.75 22.12
CA ILE D 21 -11.42 14.96 22.25
C ILE D 21 -11.23 15.69 23.56
N PHE D 22 -10.42 15.11 24.46
CA PHE D 22 -10.10 15.73 25.74
C PHE D 22 -8.89 16.66 25.62
N THR D 23 -8.97 17.84 26.26
CA THR D 23 -7.86 18.79 26.36
C THR D 23 -7.78 19.25 27.80
N THR D 24 -6.60 19.73 28.22
CA THR D 24 -6.56 20.32 29.55
C THR D 24 -5.42 21.33 29.61
N THR D 25 -5.56 22.33 30.47
CA THR D 25 -4.43 23.15 30.91
C THR D 25 -4.00 22.79 32.32
N GLU D 26 -4.60 21.78 32.94
CA GLU D 26 -4.14 21.43 34.30
C GLU D 26 -2.72 20.88 34.24
N PRO D 27 -1.81 21.35 35.08
CA PRO D 27 -0.38 21.10 34.81
C PRO D 27 0.02 19.63 34.91
N ASP D 28 -0.41 18.96 35.97
CA ASP D 28 0.00 17.61 36.30
C ASP D 28 -0.90 16.51 35.73
N LEU D 29 -1.91 16.85 34.91
CA LEU D 29 -2.99 15.91 34.60
C LEU D 29 -3.14 15.63 33.11
N GLU D 30 -2.07 15.74 32.33
CA GLU D 30 -2.17 15.42 30.90
C GLU D 30 -2.36 13.93 30.66
N LEU D 31 -3.12 13.61 29.65
CA LEU D 31 -3.25 12.25 29.10
C LEU D 31 -2.19 12.08 28.00
N PRO D 32 -1.69 10.87 27.76
CA PRO D 32 -0.91 10.64 26.53
C PRO D 32 -1.78 10.88 25.30
N GLU D 33 -1.12 11.26 24.20
CA GLU D 33 -1.85 11.61 22.98
C GLU D 33 -2.77 10.47 22.54
N SER D 34 -2.32 9.24 22.72
CA SER D 34 -3.09 8.08 22.28
C SER D 34 -4.42 7.89 23.04
N LYS D 35 -4.59 8.58 24.18
CA LYS D 35 -5.81 8.43 24.99
C LYS D 35 -6.72 9.66 24.95
N ARG D 36 -6.44 10.65 24.14
CA ARG D 36 -7.25 11.87 24.16
C ARG D 36 -8.52 11.83 23.32
N GLN D 37 -8.61 10.90 22.35
CA GLN D 37 -9.78 10.80 21.48
C GLN D 37 -10.60 9.60 21.87
N LEU D 38 -11.89 9.78 22.18
CA LEU D 38 -12.70 8.69 22.72
C LEU D 38 -14.14 8.77 22.23
N LEU D 39 -14.69 7.64 21.82
CA LEU D 39 -16.15 7.52 21.68
C LEU D 39 -16.79 7.18 23.01
N VAL D 40 -17.80 7.93 23.40
CA VAL D 40 -18.47 7.76 24.69
C VAL D 40 -19.98 7.67 24.42
N PRO D 41 -20.74 7.05 25.35
CA PRO D 41 -22.21 7.03 25.23
C PRO D 41 -22.75 8.44 25.15
N ALA D 42 -23.66 8.68 24.21
CA ALA D 42 -24.16 10.04 24.01
C ALA D 42 -24.94 10.53 25.22
N ASP D 43 -25.51 9.62 26.01
CA ASP D 43 -26.30 10.10 27.14
C ASP D 43 -25.44 10.44 28.37
N ILE D 44 -24.11 10.34 28.25
CA ILE D 44 -23.23 10.60 29.39
C ILE D 44 -23.27 12.07 29.81
N ARG D 45 -23.07 12.32 31.11
CA ARG D 45 -23.00 13.66 31.67
C ARG D 45 -21.61 13.85 32.29
N ARG D 46 -21.36 15.02 32.91
CA ARG D 46 -20.04 15.27 33.50
C ARG D 46 -19.66 14.22 34.54
N TYR D 47 -20.64 13.72 35.31
CA TYR D 47 -20.35 12.70 36.33
C TYR D 47 -19.67 11.48 35.71
N GLY D 48 -20.28 10.94 34.65
CA GLY D 48 -19.72 9.79 33.94
C GLY D 48 -18.41 10.10 33.22
N LEU D 49 -18.31 11.28 32.61
CA LEU D 49 -17.03 11.69 31.99
C LEU D 49 -15.92 11.81 33.03
N SER D 50 -16.24 12.29 34.23
CA SER D 50 -15.21 12.35 35.28
C SER D 50 -14.78 10.96 35.73
N ARG D 51 -15.73 10.03 35.82
CA ARG D 51 -15.37 8.64 36.15
C ARG D 51 -14.40 8.04 35.09
N ILE D 52 -14.65 8.32 33.81
CA ILE D 52 -13.79 7.81 32.77
C ILE D 52 -12.37 8.35 32.94
N LEU D 53 -12.27 9.68 33.15
CA LEU D 53 -10.94 10.32 33.24
C LEU D 53 -10.15 9.78 34.41
N ASN D 54 -10.82 9.56 35.53
CA ASN D 54 -10.15 9.06 36.73
C ASN D 54 -9.77 7.59 36.63
N SER D 55 -10.28 6.87 35.63
CA SER D 55 -10.14 5.41 35.63
C SER D 55 -8.71 4.98 35.35
N GLU D 56 -8.48 3.68 35.65
CA GLU D 56 -7.16 3.03 35.55
C GLU D 56 -6.48 3.27 34.21
N SER D 57 -7.21 3.08 33.10
CA SER D 57 -6.65 3.19 31.76
C SER D 57 -6.49 4.63 31.27
N MET D 58 -6.98 5.62 32.03
CA MET D 58 -6.86 7.04 31.69
C MET D 58 -5.89 7.75 32.64
N LEU D 59 -6.35 8.68 33.48
CA LEU D 59 -5.43 9.38 34.38
C LEU D 59 -5.03 8.52 35.56
N ASP D 60 -5.89 7.58 35.97
CA ASP D 60 -5.66 6.71 37.13
C ASP D 60 -5.50 7.53 38.41
N THR D 61 -6.34 8.54 38.55
CA THR D 61 -6.30 9.42 39.70
C THR D 61 -7.37 9.10 40.72
N GLY D 62 -8.23 8.13 40.43
CA GLY D 62 -9.22 7.64 41.37
C GLY D 62 -10.48 8.46 41.48
N SER D 63 -10.41 9.63 42.12
CA SER D 63 -11.65 10.30 42.49
C SER D 63 -11.58 11.84 42.44
N ILE D 64 -10.78 12.39 41.53
CA ILE D 64 -10.80 13.83 41.33
C ILE D 64 -12.12 14.23 40.64
N PRO D 65 -12.93 15.11 41.22
CA PRO D 65 -14.15 15.53 40.50
C PRO D 65 -13.79 16.51 39.39
N PHE D 66 -14.11 16.17 38.15
CA PHE D 66 -13.79 17.04 37.03
C PHE D 66 -15.03 17.75 36.52
N ASP D 67 -14.85 19.02 36.12
CA ASP D 67 -15.77 19.80 35.28
C ASP D 67 -15.22 19.86 33.85
N PHE D 68 -16.09 20.19 32.84
CA PHE D 68 -15.71 20.16 31.44
C PHE D 68 -16.18 21.43 30.73
N LEU D 69 -15.27 22.10 30.05
CA LEU D 69 -15.67 23.24 29.23
C LEU D 69 -15.91 22.78 27.79
N ILE D 70 -17.04 23.18 27.20
CA ILE D 70 -17.31 23.01 25.78
C ILE D 70 -17.60 24.39 25.22
N ASN D 71 -16.79 24.84 24.26
CA ASN D 71 -17.00 26.14 23.62
C ASN D 71 -17.17 27.24 24.68
N GLY D 72 -16.25 27.29 25.64
CA GLY D 72 -16.20 28.32 26.66
C GLY D 72 -17.23 28.24 27.76
N SER D 73 -18.04 27.19 27.84
CA SER D 73 -19.00 27.09 28.91
C SER D 73 -18.95 25.70 29.53
N PHE D 74 -19.21 25.64 30.84
CA PHE D 74 -19.19 24.37 31.53
C PHE D 74 -20.35 23.53 31.05
N LEU D 75 -20.07 22.26 30.87
CA LEU D 75 -21.06 21.27 30.52
C LEU D 75 -22.01 21.08 31.70
N ARG D 76 -23.30 21.29 31.46
CA ARG D 76 -24.33 21.18 32.52
C ARG D 76 -25.43 20.20 32.15
N SER D 77 -25.29 19.48 31.04
CA SER D 77 -26.31 18.59 30.56
C SER D 77 -25.62 17.30 30.09
N SER D 78 -26.41 16.38 29.57
CA SER D 78 -25.84 15.25 28.81
C SER D 78 -25.28 15.71 27.46
N LEU D 79 -24.40 14.88 26.87
CA LEU D 79 -23.84 15.29 25.60
C LEU D 79 -24.90 15.32 24.51
N GLU D 80 -25.79 14.34 24.46
CA GLU D 80 -26.82 14.35 23.42
C GLU D 80 -27.75 15.56 23.58
N ASP D 81 -28.05 15.97 24.82
CA ASP D 81 -28.84 17.19 24.98
C ASP D 81 -28.07 18.45 24.62
N TYR D 82 -26.75 18.48 24.86
CA TYR D 82 -25.93 19.58 24.33
C TYR D 82 -26.00 19.66 22.80
N LEU D 83 -25.90 18.52 22.13
CA LEU D 83 -25.98 18.54 20.66
C LEU D 83 -27.33 19.07 20.21
N THR D 84 -28.39 18.52 20.76
CA THR D 84 -29.74 18.92 20.36
C THR D 84 -29.94 20.41 20.61
N SER D 85 -29.48 20.90 21.77
CA SER D 85 -29.65 22.31 22.09
C SER D 85 -28.97 23.19 21.07
N ASN D 86 -27.90 22.71 20.47
CA ASN D 86 -27.13 23.54 19.58
C ASN D 86 -27.36 23.21 18.11
N GLY D 87 -28.37 22.41 17.77
CA GLY D 87 -28.62 22.07 16.39
C GLY D 87 -27.54 21.20 15.79
N LEU D 88 -26.88 20.35 16.61
CA LEU D 88 -25.78 19.50 16.14
C LEU D 88 -26.21 18.04 16.09
N SER D 89 -25.58 17.25 15.19
CA SER D 89 -25.89 15.84 15.10
C SER D 89 -24.79 15.00 15.77
N LEU D 90 -25.01 13.66 15.81
CA LEU D 90 -23.95 12.79 16.32
C LEU D 90 -22.74 12.73 15.39
N GLU D 91 -22.83 13.32 14.18
CA GLU D 91 -21.62 13.42 13.37
C GLU D 91 -20.58 14.38 13.98
N THR D 92 -20.95 15.19 15.00
CA THR D 92 -20.10 16.28 15.48
C THR D 92 -19.04 15.77 16.46
N THR D 93 -17.79 16.19 16.30
CA THR D 93 -16.79 15.90 17.34
C THR D 93 -16.82 17.01 18.40
N LEU D 94 -16.93 16.66 19.68
CA LEU D 94 -16.95 17.67 20.73
C LEU D 94 -15.58 17.74 21.43
N THR D 95 -15.04 18.94 21.62
CA THR D 95 -13.79 19.14 22.38
C THR D 95 -14.15 19.50 23.83
N LEU D 96 -13.76 18.64 24.76
CA LEU D 96 -14.07 18.81 26.18
C LEU D 96 -12.79 19.15 26.93
N GLN D 97 -12.73 20.34 27.53
CA GLN D 97 -11.54 20.70 28.31
C GLN D 97 -11.80 20.40 29.78
N TYR D 98 -11.04 19.50 30.37
CA TYR D 98 -11.32 19.15 31.74
C TYR D 98 -10.55 20.06 32.70
N VAL D 99 -11.25 20.46 33.79
CA VAL D 99 -10.82 21.39 34.84
C VAL D 99 -11.12 20.74 36.18
N ARG D 100 -10.21 20.86 37.16
CA ARG D 100 -10.55 20.32 38.49
C ARG D 100 -11.78 20.97 39.12
N SER D 101 -12.67 20.13 39.67
CA SER D 101 -13.76 20.40 40.67
C SER D 101 -15.21 20.05 40.31
#